data_8TTC
#
_entry.id   8TTC
#
_cell.length_a   88.763
_cell.length_b   88.763
_cell.length_c   328.291
_cell.angle_alpha   90.00
_cell.angle_beta   90.00
_cell.angle_gamma   90.00
#
_symmetry.space_group_name_H-M   'P 43 21 2'
#
loop_
_entity.id
_entity.type
_entity.pdbx_description
1 polymer 'Vacuolar protein sorting-associated protein 29'
2 polymer 'Vacuolar protein sorting-associated protein 35'
3 polymer SER-ILE-PHE-ASP-ASP-ASP-MET-ASP-ASP-ILE-PHE-SER-SER-GLY
4 non-polymer 'CITRIC ACID'
5 non-polymer DI(HYDROXYETHYL)ETHER
6 non-polymer GLYCEROL
7 non-polymer 'ACETATE ION'
8 water water
#
loop_
_entity_poly.entity_id
_entity_poly.type
_entity_poly.pdbx_seq_one_letter_code
_entity_poly.pdbx_strand_id
1 'polypeptide(L)'
;MLVLVLGDLHIPHRCNSLPAKFKKLLVPGKIQHILCTGNLCTKESYDYLKTLAGDVHIVRGDFDENLNYPEQKVVTVGQF
KIGLIHGHQVIPWGDMASLALLQRQFDVDILISGHTHKFEAFEHENKFYINPGSATGAYNALETNIIPSFVLMDIQASTV
VTYVYQLIGDDVKVERIEYKKS
;
A,C
2 'polypeptide(L)'
;GSDFADEQSLVGRFIHLLRSDDPDQQYLILNTARKHFGAGGNQRIRFTLPPLVFAAYQLAFRYKENSQMDDKWEKKCQKI
FSFAHQTISALIKAELAELPLRLFLQGALAAGEIGFENHETVAYEFMSQAFSLYEDEISDSKAQLAAITLIIGTFERMKC
FSEENHEPLRTQCALAASKLLKKPDQGRAVSTCAHLFWSGRNTDKNGEELHGGKRVMECLKKALKIANQCMDPSLQVQLF
IEILNRYIYFYEKENDAVTIQVLNQLIQKIREDLPNLESSEETEQINKHFHNTLEHLRSRRESPESEGPIYEGLIL
;
B,D
3 'polypeptide(L)' SIFDDDMDDIFSSG E
#
loop_
_chem_comp.id
_chem_comp.type
_chem_comp.name
_chem_comp.formula
ACT non-polymer 'ACETATE ION' 'C2 H3 O2 -1'
CIT non-polymer 'CITRIC ACID' 'C6 H8 O7'
GOL non-polymer GLYCEROL 'C3 H8 O3'
PEG non-polymer DI(HYDROXYETHYL)ETHER 'C4 H10 O3'
#
# COMPACT_ATOMS: atom_id res chain seq x y z
N MET A 1 -44.74 16.96 17.66
CA MET A 1 -44.38 16.30 18.91
C MET A 1 -43.96 14.86 18.63
N LEU A 2 -44.22 14.44 17.39
CA LEU A 2 -43.79 13.17 16.84
C LEU A 2 -42.63 13.42 15.88
N VAL A 3 -41.69 12.48 15.84
CA VAL A 3 -40.50 12.62 15.02
C VAL A 3 -40.58 11.71 13.82
N LEU A 4 -40.02 12.17 12.72
CA LEU A 4 -39.94 11.42 11.47
C LEU A 4 -38.48 10.98 11.31
N VAL A 5 -38.27 9.68 11.16
CA VAL A 5 -36.94 9.11 11.02
C VAL A 5 -36.85 8.47 9.65
N LEU A 6 -35.94 8.98 8.83
CA LEU A 6 -35.76 8.50 7.47
C LEU A 6 -34.31 8.70 7.04
N GLY A 7 -33.96 8.09 5.92
CA GLY A 7 -32.62 8.26 5.40
C GLY A 7 -32.46 7.48 4.12
N ASP A 8 -31.22 7.45 3.64
CA ASP A 8 -30.83 6.69 2.46
C ASP A 8 -31.73 6.98 1.27
N LEU A 9 -31.97 8.27 1.03
CA LEU A 9 -32.73 8.67 -0.14
C LEU A 9 -31.96 8.38 -1.42
N HIS A 10 -30.66 8.67 -1.42
CA HIS A 10 -29.76 8.39 -2.54
C HIS A 10 -30.24 9.03 -3.85
N ILE A 11 -30.79 10.23 -3.75
CA ILE A 11 -31.17 10.98 -4.93
C ILE A 11 -29.99 11.90 -5.28
N PRO A 12 -29.52 11.93 -6.54
CA PRO A 12 -29.96 11.21 -7.74
C PRO A 12 -29.12 9.97 -8.04
N HIS A 13 -28.29 9.55 -7.11
CA HIS A 13 -27.38 8.42 -7.35
C HIS A 13 -28.14 7.15 -7.70
N ARG A 14 -29.14 6.79 -6.88
CA ARG A 14 -29.89 5.57 -7.11
C ARG A 14 -31.38 5.77 -7.38
N CYS A 15 -31.97 6.87 -6.92
CA CYS A 15 -33.39 7.13 -7.11
C CYS A 15 -33.58 8.56 -7.61
N ASN A 16 -34.65 8.74 -8.38
CA ASN A 16 -34.97 10.04 -8.95
C ASN A 16 -35.88 10.87 -8.05
N SER A 17 -36.66 10.23 -7.20
CA SER A 17 -37.59 10.91 -6.30
C SER A 17 -38.02 9.92 -5.22
N LEU A 18 -38.87 10.40 -4.34
CA LEU A 18 -39.46 9.55 -3.32
C LEU A 18 -40.66 8.82 -3.92
N PRO A 19 -41.06 7.68 -3.35
CA PRO A 19 -42.24 6.99 -3.88
C PRO A 19 -43.46 7.88 -3.83
N ALA A 20 -44.28 7.80 -4.89
CA ALA A 20 -45.44 8.67 -5.01
C ALA A 20 -46.30 8.68 -3.75
N LYS A 21 -46.61 7.50 -3.22
CA LYS A 21 -47.37 7.42 -1.97
C LYS A 21 -46.63 8.12 -0.86
N PHE A 22 -45.32 7.88 -0.77
CA PHE A 22 -44.52 8.49 0.28
C PHE A 22 -44.56 10.01 0.19
N LYS A 23 -44.55 10.55 -1.04
CA LYS A 23 -44.71 11.98 -1.22
C LYS A 23 -46.08 12.44 -0.71
N LYS A 24 -47.12 11.63 -0.94
CA LYS A 24 -48.45 11.99 -0.47
C LYS A 24 -48.57 11.97 1.05
N LEU A 25 -48.19 10.87 1.71
CA LEU A 25 -48.37 10.78 3.15
C LEU A 25 -47.54 11.83 3.90
N LEU A 26 -46.38 12.18 3.38
CA LEU A 26 -45.52 13.17 4.02
C LEU A 26 -46.10 14.54 3.70
N VAL A 27 -46.75 15.15 4.69
CA VAL A 27 -47.37 16.46 4.52
C VAL A 27 -46.88 17.38 5.63
N PRO A 28 -46.60 18.65 5.32
CA PRO A 28 -45.95 19.52 6.29
C PRO A 28 -46.86 19.94 7.44
N GLY A 29 -46.23 20.42 8.49
CA GLY A 29 -46.99 20.92 9.64
C GLY A 29 -47.24 19.86 10.69
N LYS A 30 -47.67 18.69 10.25
CA LYS A 30 -48.03 17.61 11.16
C LYS A 30 -46.83 17.04 11.91
N ILE A 31 -45.61 17.24 11.40
CA ILE A 31 -44.40 16.79 12.05
C ILE A 31 -43.53 18.00 12.32
N GLN A 32 -43.00 18.09 13.54
CA GLN A 32 -42.16 19.18 13.94
C GLN A 32 -40.72 18.76 14.16
N HIS A 33 -40.40 17.47 14.03
CA HIS A 33 -39.03 17.02 14.19
C HIS A 33 -38.68 16.07 13.04
N ILE A 34 -37.43 16.14 12.58
CA ILE A 34 -36.95 15.26 11.52
C ILE A 34 -35.55 14.78 11.88
N LEU A 35 -35.36 13.47 11.86
CA LEU A 35 -34.06 12.83 12.07
C LEU A 35 -33.67 12.10 10.79
N CYS A 36 -32.57 12.53 10.18
CA CYS A 36 -32.10 11.95 8.93
C CYS A 36 -30.78 11.22 9.17
N THR A 37 -30.73 9.96 8.74
CA THR A 37 -29.54 9.15 8.88
C THR A 37 -28.74 9.01 7.59
N GLY A 38 -29.45 8.84 6.48
CA GLY A 38 -28.85 8.41 5.24
C GLY A 38 -28.14 9.49 4.47
N ASN A 39 -27.54 9.07 3.36
CA ASN A 39 -26.96 9.99 2.39
C ASN A 39 -28.06 10.35 1.42
N LEU A 40 -28.73 11.46 1.69
CA LEU A 40 -29.71 12.01 0.77
C LEU A 40 -29.03 12.72 -0.39
N CYS A 41 -27.69 12.77 -0.34
CA CYS A 41 -26.85 13.36 -1.37
C CYS A 41 -27.18 14.83 -1.61
N THR A 42 -27.82 15.12 -2.75
CA THR A 42 -28.11 16.47 -3.20
C THR A 42 -28.79 17.31 -2.13
N LYS A 43 -28.57 18.63 -2.21
CA LYS A 43 -29.22 19.60 -1.34
C LYS A 43 -30.72 19.70 -1.59
N GLU A 44 -31.19 19.30 -2.77
CA GLU A 44 -32.62 19.33 -3.07
C GLU A 44 -33.39 18.56 -2.02
N SER A 45 -32.91 17.36 -1.67
CA SER A 45 -33.58 16.55 -0.67
C SER A 45 -33.61 17.26 0.67
N TYR A 46 -32.55 18.00 1.01
CA TYR A 46 -32.54 18.77 2.25
C TYR A 46 -33.62 19.85 2.24
N ASP A 47 -33.74 20.59 1.14
CA ASP A 47 -34.76 21.63 1.08
C ASP A 47 -36.17 21.01 1.18
N TYR A 48 -36.36 19.88 0.51
CA TYR A 48 -37.63 19.16 0.60
C TYR A 48 -37.90 18.75 2.04
N LEU A 49 -36.86 18.28 2.73
CA LEU A 49 -36.98 17.93 4.15
C LEU A 49 -37.38 19.16 4.97
N LYS A 50 -36.84 20.32 4.61
CA LYS A 50 -37.16 21.55 5.33
C LYS A 50 -38.61 21.94 5.15
N THR A 51 -39.24 21.52 4.05
CA THR A 51 -40.67 21.78 3.95
C THR A 51 -41.48 20.90 4.89
N LEU A 52 -41.03 19.66 5.16
CA LEU A 52 -41.80 18.73 5.99
C LEU A 52 -41.85 19.16 7.46
N ALA A 53 -40.78 19.75 7.98
CA ALA A 53 -40.75 20.15 9.38
C ALA A 53 -39.71 21.24 9.57
N GLY A 54 -39.78 21.90 10.72
CA GLY A 54 -38.79 22.91 11.07
C GLY A 54 -37.53 22.40 11.70
N ASP A 55 -37.61 21.37 12.54
CA ASP A 55 -36.45 20.82 13.25
C ASP A 55 -35.89 19.63 12.47
N VAL A 56 -35.04 19.92 11.51
CA VAL A 56 -34.40 18.89 10.68
C VAL A 56 -33.01 18.63 11.20
N HIS A 57 -32.66 17.35 11.37
CA HIS A 57 -31.37 16.91 11.89
C HIS A 57 -30.78 15.87 10.95
N ILE A 58 -29.54 16.09 10.51
CA ILE A 58 -28.88 15.14 9.62
C ILE A 58 -27.51 14.77 10.17
N VAL A 59 -27.03 13.61 9.72
CA VAL A 59 -25.68 13.14 9.98
C VAL A 59 -25.03 12.81 8.64
N ARG A 60 -23.71 12.87 8.59
CA ARG A 60 -22.98 12.62 7.36
C ARG A 60 -23.12 11.15 6.96
N GLY A 61 -23.40 10.93 5.68
CA GLY A 61 -23.37 9.61 5.10
C GLY A 61 -22.12 9.46 4.24
N ASP A 62 -21.83 8.22 3.86
CA ASP A 62 -20.61 7.95 3.10
C ASP A 62 -20.68 8.52 1.69
N PHE A 63 -21.87 8.81 1.18
CA PHE A 63 -22.05 9.34 -0.17
C PHE A 63 -22.60 10.75 -0.20
N ASP A 64 -22.74 11.40 0.95
CA ASP A 64 -23.24 12.77 1.00
C ASP A 64 -22.26 13.73 0.34
N GLU A 65 -22.70 14.41 -0.72
CA GLU A 65 -21.95 15.56 -1.21
C GLU A 65 -22.31 16.70 -0.25
N ASN A 66 -21.75 16.59 0.94
CA ASN A 66 -22.14 17.37 2.11
C ASN A 66 -21.33 18.65 2.24
N LEU A 67 -21.93 19.61 2.93
CA LEU A 67 -21.26 20.82 3.40
C LEU A 67 -21.31 20.77 4.92
N ASN A 68 -20.36 20.04 5.50
CA ASN A 68 -20.23 19.92 6.96
C ASN A 68 -21.55 19.63 7.69
N TYR A 69 -22.23 18.57 7.23
CA TYR A 69 -23.12 17.78 8.08
C TYR A 69 -22.28 17.04 9.13
N PRO A 70 -22.79 16.86 10.35
CA PRO A 70 -22.01 16.13 11.37
C PRO A 70 -21.93 14.64 11.08
N GLU A 71 -20.81 14.03 11.48
CA GLU A 71 -20.66 12.59 11.35
C GLU A 71 -21.63 11.86 12.28
N GLN A 72 -21.80 12.36 13.50
CA GLN A 72 -22.69 11.77 14.49
C GLN A 72 -23.31 12.89 15.34
N LYS A 73 -24.52 12.64 15.83
CA LYS A 73 -25.24 13.63 16.61
C LYS A 73 -25.96 12.96 17.78
N VAL A 74 -26.25 13.76 18.80
CA VAL A 74 -27.03 13.33 19.98
C VAL A 74 -28.07 14.41 20.24
N VAL A 75 -29.35 14.03 20.23
CA VAL A 75 -30.43 14.99 20.44
C VAL A 75 -31.42 14.46 21.47
N THR A 76 -32.01 15.38 22.23
CA THR A 76 -32.95 15.06 23.30
C THR A 76 -34.32 15.62 22.96
N VAL A 77 -35.36 14.85 23.25
CA VAL A 77 -36.72 15.32 23.04
C VAL A 77 -37.44 15.19 24.36
N GLY A 78 -37.27 16.17 25.25
CA GLY A 78 -37.85 16.01 26.56
C GLY A 78 -37.20 14.79 27.17
N GLN A 79 -37.93 13.69 27.14
CA GLN A 79 -37.44 12.38 27.54
C GLN A 79 -36.64 11.72 26.41
N PHE A 80 -35.81 10.74 26.78
CA PHE A 80 -34.96 10.00 25.86
C PHE A 80 -33.86 10.80 25.18
N LYS A 81 -32.65 10.25 25.24
CA LYS A 81 -31.48 10.72 24.51
C LYS A 81 -31.32 9.84 23.26
N ILE A 82 -31.33 10.46 22.09
CA ILE A 82 -31.31 9.75 20.82
C ILE A 82 -29.96 9.98 20.15
N GLY A 83 -29.41 8.93 19.56
CA GLY A 83 -28.17 9.00 18.82
C GLY A 83 -28.44 8.82 17.34
N LEU A 84 -27.81 9.66 16.53
CA LEU A 84 -28.01 9.69 15.09
C LEU A 84 -26.65 9.51 14.41
N ILE A 85 -26.52 8.44 13.63
CA ILE A 85 -25.29 8.17 12.88
C ILE A 85 -25.66 7.33 11.67
N HIS A 86 -24.91 7.49 10.58
CA HIS A 86 -25.26 6.84 9.33
C HIS A 86 -24.92 5.35 9.31
N GLY A 87 -24.03 4.87 10.17
CA GLY A 87 -23.84 3.45 10.38
C GLY A 87 -22.69 2.81 9.62
N HIS A 88 -22.18 3.43 8.56
CA HIS A 88 -21.07 2.80 7.82
C HIS A 88 -19.80 2.77 8.67
N GLN A 89 -19.75 3.60 9.71
CA GLN A 89 -18.63 3.64 10.63
C GLN A 89 -18.69 2.50 11.64
N VAL A 90 -19.84 1.86 11.77
CA VAL A 90 -20.03 0.72 12.65
C VAL A 90 -19.61 -0.53 11.89
N ILE A 91 -18.55 -1.18 12.33
CA ILE A 91 -18.02 -2.38 11.68
C ILE A 91 -18.22 -3.55 12.64
N PRO A 92 -18.78 -4.69 12.20
CA PRO A 92 -19.44 -4.95 10.91
C PRO A 92 -20.61 -4.00 10.65
N TRP A 93 -20.96 -3.83 9.37
CA TRP A 93 -21.92 -2.79 8.99
C TRP A 93 -23.26 -2.97 9.69
N GLY A 94 -23.80 -4.19 9.72
CA GLY A 94 -25.09 -4.41 10.34
C GLY A 94 -25.09 -5.13 11.66
N ASP A 95 -23.92 -5.41 12.24
CA ASP A 95 -23.84 -6.16 13.49
C ASP A 95 -24.48 -5.38 14.63
N MET A 96 -25.34 -6.05 15.40
CA MET A 96 -25.98 -5.40 16.54
C MET A 96 -25.03 -5.27 17.72
N ALA A 97 -24.10 -6.22 17.89
CA ALA A 97 -23.13 -6.14 18.98
C ALA A 97 -22.27 -4.88 18.85
N SER A 98 -21.80 -4.59 17.63
CA SER A 98 -21.08 -3.34 17.40
C SER A 98 -21.97 -2.14 17.65
N LEU A 99 -23.26 -2.27 17.34
CA LEU A 99 -24.20 -1.18 17.60
C LEU A 99 -24.39 -0.98 19.09
N ALA A 100 -24.45 -2.07 19.87
CA ALA A 100 -24.54 -1.94 21.32
C ALA A 100 -23.27 -1.34 21.91
N LEU A 101 -22.11 -1.73 21.35
CA LEU A 101 -20.85 -1.12 21.71
C LEU A 101 -20.91 0.39 21.54
N LEU A 102 -21.37 0.83 20.36
CA LEU A 102 -21.50 2.27 20.11
C LEU A 102 -22.55 2.89 21.03
N GLN A 103 -23.59 2.14 21.39
CA GLN A 103 -24.58 2.64 22.35
C GLN A 103 -23.91 2.98 23.67
N ARG A 104 -23.12 2.03 24.19
CA ARG A 104 -22.40 2.29 25.44
C ARG A 104 -21.53 3.53 25.29
N GLN A 105 -20.87 3.68 24.14
CA GLN A 105 -20.09 4.89 23.91
C GLN A 105 -20.95 6.15 23.98
N PHE A 106 -22.15 6.10 23.39
CA PHE A 106 -23.03 7.26 23.37
C PHE A 106 -23.77 7.46 24.69
N ASP A 107 -24.05 6.39 25.40
CA ASP A 107 -24.92 6.40 26.59
C ASP A 107 -26.24 7.10 26.27
N VAL A 108 -26.99 6.49 25.36
CA VAL A 108 -28.26 7.02 24.87
C VAL A 108 -29.33 5.95 24.99
N ASP A 109 -30.58 6.39 25.19
CA ASP A 109 -31.69 5.46 25.31
C ASP A 109 -32.07 4.86 23.95
N ILE A 110 -32.01 5.65 22.88
CA ILE A 110 -32.32 5.15 21.54
C ILE A 110 -31.15 5.45 20.62
N LEU A 111 -30.81 4.47 19.79
CA LEU A 111 -29.74 4.57 18.80
C LEU A 111 -30.34 4.41 17.42
N ILE A 112 -30.20 5.43 16.58
CA ILE A 112 -30.71 5.38 15.22
C ILE A 112 -29.52 5.25 14.28
N SER A 113 -29.58 4.25 13.41
CA SER A 113 -28.52 4.00 12.44
C SER A 113 -29.15 3.56 11.14
N GLY A 114 -28.39 3.67 10.05
CA GLY A 114 -28.88 3.28 8.75
C GLY A 114 -27.83 2.55 7.94
N HIS A 115 -27.77 2.85 6.64
CA HIS A 115 -26.77 2.32 5.71
C HIS A 115 -26.93 0.81 5.53
N THR A 116 -27.89 0.21 6.24
CA THR A 116 -28.19 -1.19 6.07
C THR A 116 -29.27 -1.42 5.03
N HIS A 117 -30.07 -0.39 4.76
CA HIS A 117 -31.20 -0.43 3.84
C HIS A 117 -32.25 -1.45 4.26
N LYS A 118 -32.11 -2.01 5.46
CA LYS A 118 -33.03 -2.97 6.05
C LYS A 118 -33.55 -2.38 7.35
N PHE A 119 -34.85 -2.11 7.41
CA PHE A 119 -35.43 -1.60 8.64
C PHE A 119 -35.32 -2.63 9.75
N GLU A 120 -34.95 -2.17 10.94
CA GLU A 120 -34.87 -3.03 12.12
C GLU A 120 -35.12 -2.20 13.36
N ALA A 121 -36.02 -2.66 14.22
CA ALA A 121 -36.32 -1.96 15.47
C ALA A 121 -36.49 -3.00 16.56
N PHE A 122 -35.61 -2.96 17.56
CA PHE A 122 -35.64 -3.97 18.61
C PHE A 122 -35.04 -3.42 19.89
N GLU A 123 -35.11 -4.20 20.95
CA GLU A 123 -34.60 -3.82 22.27
C GLU A 123 -33.55 -4.83 22.70
N HIS A 124 -32.35 -4.31 22.99
CA HIS A 124 -31.19 -5.07 23.44
C HIS A 124 -30.65 -4.43 24.70
N GLU A 125 -30.47 -5.25 25.74
CA GLU A 125 -29.89 -4.84 27.01
C GLU A 125 -30.60 -3.62 27.60
N ASN A 126 -31.92 -3.73 27.71
CA ASN A 126 -32.79 -2.64 28.20
C ASN A 126 -32.62 -1.33 27.43
N LYS A 127 -32.22 -1.40 26.17
CA LYS A 127 -32.05 -0.22 25.33
C LYS A 127 -32.70 -0.46 23.98
N PHE A 128 -33.05 0.61 23.28
CA PHE A 128 -33.77 0.51 22.01
C PHE A 128 -32.87 0.88 20.84
N TYR A 129 -33.11 0.22 19.70
CA TYR A 129 -32.34 0.43 18.47
C TYR A 129 -33.31 0.50 17.29
N ILE A 130 -33.19 1.56 16.49
CA ILE A 130 -34.03 1.78 15.32
C ILE A 130 -33.16 1.92 14.09
N ASN A 131 -33.70 1.51 12.95
CA ASN A 131 -33.04 1.63 11.65
C ASN A 131 -34.18 1.73 10.64
N PRO A 132 -34.47 2.93 10.15
CA PRO A 132 -35.66 3.13 9.31
C PRO A 132 -35.55 2.52 7.92
N GLY A 133 -34.36 2.15 7.47
CA GLY A 133 -34.21 1.63 6.13
C GLY A 133 -34.15 2.75 5.11
N SER A 134 -34.30 2.37 3.85
CA SER A 134 -34.24 3.32 2.75
C SER A 134 -35.64 3.83 2.47
N ALA A 135 -35.85 5.14 2.62
CA ALA A 135 -37.17 5.72 2.37
C ALA A 135 -37.56 5.67 0.90
N THR A 136 -36.59 5.52 0.00
CA THR A 136 -36.87 5.38 -1.43
C THR A 136 -36.64 3.95 -1.92
N GLY A 137 -36.39 3.01 -1.02
CA GLY A 137 -36.09 1.65 -1.42
C GLY A 137 -34.89 1.57 -2.33
N ALA A 138 -33.82 2.29 -2.00
CA ALA A 138 -32.67 2.42 -2.87
C ALA A 138 -31.88 1.13 -2.94
N TYR A 139 -31.18 0.95 -4.07
CA TYR A 139 -30.35 -0.22 -4.31
C TYR A 139 -29.30 -0.40 -3.22
N ASN A 140 -29.06 -1.66 -2.87
CA ASN A 140 -27.99 -2.04 -1.95
C ASN A 140 -27.33 -3.31 -2.46
N ALA A 141 -25.99 -3.33 -2.37
CA ALA A 141 -25.24 -4.46 -2.91
C ALA A 141 -25.45 -5.72 -2.09
N LEU A 142 -25.79 -5.57 -0.81
CA LEU A 142 -25.96 -6.73 0.06
C LEU A 142 -27.39 -7.27 0.06
N GLU A 143 -28.33 -6.59 -0.59
CA GLU A 143 -29.70 -7.09 -0.68
C GLU A 143 -30.40 -6.76 -1.99
N THR A 144 -30.89 -7.82 -2.65
CA THR A 144 -31.69 -7.66 -3.86
C THR A 144 -33.08 -7.12 -3.56
N ASN A 145 -33.71 -7.60 -2.47
CA ASN A 145 -35.10 -7.26 -2.15
C ASN A 145 -35.12 -6.18 -1.07
N ILE A 146 -35.30 -4.93 -1.49
CA ILE A 146 -35.34 -3.77 -0.60
C ILE A 146 -36.77 -3.27 -0.52
N ILE A 147 -37.23 -2.98 0.70
CA ILE A 147 -38.60 -2.51 0.94
C ILE A 147 -38.52 -1.03 1.29
N PRO A 148 -39.07 -0.14 0.45
CA PRO A 148 -39.14 1.29 0.81
C PRO A 148 -39.82 1.49 2.16
N SER A 149 -39.13 2.05 3.14
CA SER A 149 -39.69 2.15 4.48
C SER A 149 -39.11 3.35 5.22
N PHE A 150 -39.97 4.02 5.99
CA PHE A 150 -39.53 5.05 6.93
C PHE A 150 -40.20 4.81 8.27
N VAL A 151 -39.73 5.50 9.29
CA VAL A 151 -40.20 5.30 10.65
C VAL A 151 -40.57 6.66 11.22
N LEU A 152 -41.77 6.75 11.81
CA LEU A 152 -42.12 7.93 12.60
C LEU A 152 -42.44 7.44 14.00
N MET A 153 -42.04 8.23 15.00
CA MET A 153 -42.32 7.89 16.38
C MET A 153 -42.85 9.11 17.11
N ASP A 154 -43.77 8.86 18.04
CA ASP A 154 -44.34 9.90 18.87
C ASP A 154 -44.01 9.62 20.32
N ILE A 155 -43.52 10.62 21.03
CA ILE A 155 -43.14 10.48 22.43
C ILE A 155 -44.22 11.20 23.22
N GLN A 156 -44.99 10.45 24.01
CA GLN A 156 -45.99 11.05 24.86
C GLN A 156 -45.43 11.42 26.24
N ALA A 157 -44.52 10.60 26.76
CA ALA A 157 -43.85 10.87 28.03
C ALA A 157 -42.57 10.04 28.09
N SER A 158 -42.53 9.09 29.03
CA SER A 158 -41.42 8.15 29.15
C SER A 158 -41.67 6.89 28.34
N THR A 159 -42.52 6.98 27.32
CA THR A 159 -42.92 5.86 26.50
C THR A 159 -42.95 6.33 25.05
N VAL A 160 -42.33 5.56 24.15
CA VAL A 160 -42.38 5.92 22.74
C VAL A 160 -42.99 4.76 21.97
N VAL A 161 -43.82 5.09 20.98
CA VAL A 161 -44.35 4.11 20.06
C VAL A 161 -43.82 4.44 18.69
N THR A 162 -43.14 3.48 18.07
CA THR A 162 -42.51 3.65 16.77
C THR A 162 -43.40 2.94 15.76
N TYR A 163 -43.94 3.72 14.82
CA TYR A 163 -44.75 3.21 13.74
C TYR A 163 -43.84 3.18 12.51
N VAL A 164 -43.69 2.01 11.91
CA VAL A 164 -42.82 1.84 10.75
C VAL A 164 -43.70 1.61 9.53
N TYR A 165 -43.55 2.48 8.54
CA TYR A 165 -44.27 2.39 7.27
C TYR A 165 -43.38 1.72 6.23
N GLN A 166 -43.94 0.71 5.58
CA GLN A 166 -43.27 -0.02 4.51
C GLN A 166 -44.24 -0.09 3.34
N LEU A 167 -43.71 0.05 2.14
CA LEU A 167 -44.53 -0.02 0.93
C LEU A 167 -44.21 -1.37 0.30
N ILE A 168 -45.12 -2.32 0.47
CA ILE A 168 -44.97 -3.66 -0.07
C ILE A 168 -45.88 -3.75 -1.28
N GLY A 169 -45.30 -4.02 -2.45
CA GLY A 169 -46.07 -4.01 -3.66
C GLY A 169 -46.59 -2.61 -3.93
N ASP A 170 -47.91 -2.45 -3.85
CA ASP A 170 -48.55 -1.15 -3.99
C ASP A 170 -49.35 -0.74 -2.75
N ASP A 171 -49.53 -1.63 -1.78
CA ASP A 171 -50.23 -1.32 -0.54
C ASP A 171 -49.24 -0.88 0.53
N VAL A 172 -49.69 -0.01 1.42
CA VAL A 172 -48.83 0.55 2.47
C VAL A 172 -49.11 -0.22 3.75
N LYS A 173 -48.18 -1.08 4.14
CA LYS A 173 -48.31 -1.80 5.39
C LYS A 173 -47.55 -1.06 6.48
N VAL A 174 -48.03 -1.21 7.71
CA VAL A 174 -47.47 -0.50 8.85
C VAL A 174 -47.33 -1.49 9.99
N GLU A 175 -46.18 -1.45 10.66
CA GLU A 175 -45.99 -2.24 11.86
C GLU A 175 -45.81 -1.29 13.03
N ARG A 176 -46.16 -1.75 14.22
CA ARG A 176 -46.14 -0.91 15.40
C ARG A 176 -45.36 -1.60 16.49
N ILE A 177 -44.46 -0.86 17.14
CA ILE A 177 -43.69 -1.37 18.26
C ILE A 177 -43.70 -0.27 19.31
N GLU A 178 -43.67 -0.64 20.58
CA GLU A 178 -43.64 0.35 21.64
C GLU A 178 -42.57 -0.01 22.65
N TYR A 179 -41.94 1.02 23.22
CA TYR A 179 -40.85 0.85 24.16
C TYR A 179 -41.09 1.74 25.37
N LYS A 180 -40.76 1.21 26.55
CA LYS A 180 -40.89 1.89 27.83
C LYS A 180 -39.51 2.07 28.41
N LYS A 181 -39.17 3.29 28.80
CA LYS A 181 -37.87 3.54 29.41
C LYS A 181 -37.71 2.72 30.68
N SER A 182 -36.77 1.78 30.67
CA SER A 182 -36.54 0.93 31.83
C SER A 182 -35.53 1.57 32.77
N LEU B 10 -30.69 23.40 -15.00
CA LEU B 10 -31.28 22.55 -16.03
C LEU B 10 -31.15 21.08 -15.67
N VAL B 11 -32.24 20.51 -15.15
CA VAL B 11 -32.22 19.11 -14.77
C VAL B 11 -32.27 18.24 -16.02
N GLY B 12 -31.18 18.23 -16.79
CA GLY B 12 -31.04 17.20 -17.79
C GLY B 12 -31.10 15.81 -17.21
N ARG B 13 -30.92 15.78 -15.91
CA ARG B 13 -30.96 14.58 -15.16
C ARG B 13 -32.41 14.31 -15.09
N PHE B 14 -32.98 14.01 -16.24
CA PHE B 14 -34.36 13.66 -16.39
C PHE B 14 -34.25 12.26 -15.92
N ILE B 15 -33.67 11.46 -16.83
CA ILE B 15 -33.33 10.02 -16.81
C ILE B 15 -33.94 9.10 -15.81
N HIS B 16 -35.04 9.58 -15.34
CA HIS B 16 -36.00 8.90 -14.50
C HIS B 16 -36.84 7.99 -15.34
N LEU B 17 -36.27 7.69 -16.51
CA LEU B 17 -36.79 6.67 -17.40
C LEU B 17 -37.10 5.43 -16.60
N LEU B 18 -36.13 4.95 -15.82
CA LEU B 18 -36.30 3.86 -14.87
C LEU B 18 -36.99 2.72 -15.59
N ARG B 19 -38.30 2.63 -15.40
CA ARG B 19 -39.23 1.71 -16.07
C ARG B 19 -38.56 0.45 -16.61
N SER B 20 -38.09 0.56 -17.86
CA SER B 20 -37.71 -0.49 -18.80
C SER B 20 -37.50 -1.90 -18.27
N ASP B 21 -37.90 -2.87 -19.11
CA ASP B 21 -37.72 -4.28 -18.85
C ASP B 21 -37.12 -4.95 -20.08
N ASP B 22 -36.37 -6.03 -19.83
CA ASP B 22 -35.55 -6.85 -20.72
C ASP B 22 -34.13 -6.28 -20.68
N PRO B 23 -33.22 -6.96 -19.96
CA PRO B 23 -31.87 -6.41 -19.68
C PRO B 23 -31.14 -5.72 -20.82
N ASP B 24 -31.05 -6.38 -21.97
CA ASP B 24 -30.21 -5.88 -23.06
C ASP B 24 -30.61 -4.45 -23.45
N GLN B 25 -31.90 -4.14 -23.38
CA GLN B 25 -32.31 -2.80 -23.80
C GLN B 25 -31.84 -1.77 -22.79
N GLN B 26 -31.83 -2.14 -21.51
CA GLN B 26 -31.29 -1.24 -20.49
C GLN B 26 -29.79 -1.04 -20.68
N TYR B 27 -29.07 -2.09 -21.08
CA TYR B 27 -27.64 -1.93 -21.30
C TYR B 27 -27.41 -0.90 -22.42
N LEU B 28 -28.12 -1.07 -23.54
CA LEU B 28 -27.95 -0.10 -24.64
C LEU B 28 -28.36 1.32 -24.22
N ILE B 29 -29.42 1.46 -23.42
CA ILE B 29 -29.77 2.82 -23.01
C ILE B 29 -28.70 3.39 -22.07
N LEU B 30 -28.07 2.53 -21.26
CA LEU B 30 -26.97 2.99 -20.42
C LEU B 30 -25.84 3.54 -21.28
N ASN B 31 -25.48 2.81 -22.34
CA ASN B 31 -24.42 3.31 -23.23
C ASN B 31 -24.84 4.64 -23.86
N THR B 32 -26.13 4.76 -24.20
CA THR B 32 -26.57 6.00 -24.85
C THR B 32 -26.48 7.17 -23.87
N ALA B 33 -26.84 6.91 -22.61
CA ALA B 33 -26.78 7.95 -21.60
C ALA B 33 -25.35 8.40 -21.34
N ARG B 34 -24.43 7.44 -21.17
CA ARG B 34 -23.02 7.81 -21.04
C ARG B 34 -22.54 8.60 -22.23
N LYS B 35 -22.90 8.16 -23.44
CA LYS B 35 -22.45 8.84 -24.65
C LYS B 35 -22.97 10.28 -24.72
N HIS B 36 -24.25 10.47 -24.39
CA HIS B 36 -24.83 11.80 -24.42
C HIS B 36 -24.20 12.70 -23.36
N PHE B 37 -24.09 12.19 -22.13
CA PHE B 37 -23.58 12.99 -21.02
C PHE B 37 -22.09 13.31 -21.20
N GLY B 38 -21.35 12.47 -21.92
CA GLY B 38 -19.92 12.67 -22.06
C GLY B 38 -19.51 13.94 -22.76
N ALA B 39 -20.33 14.42 -23.70
CA ALA B 39 -20.00 15.70 -24.33
C ALA B 39 -20.27 16.89 -23.42
N GLY B 40 -20.79 16.69 -22.21
CA GLY B 40 -21.04 17.79 -21.30
C GLY B 40 -19.80 18.38 -20.64
N GLY B 41 -18.66 17.70 -20.70
CA GLY B 41 -17.45 18.20 -20.10
C GLY B 41 -17.37 17.77 -18.65
N ASN B 42 -16.20 17.99 -18.05
CA ASN B 42 -16.00 17.59 -16.67
C ASN B 42 -16.98 18.26 -15.70
N GLN B 43 -17.49 19.44 -16.05
CA GLN B 43 -18.38 20.15 -15.15
C GLN B 43 -19.65 19.35 -14.86
N ARG B 44 -20.29 18.81 -15.90
CA ARG B 44 -21.54 18.07 -15.77
C ARG B 44 -21.32 16.65 -15.27
N ILE B 45 -20.31 15.97 -15.80
CA ILE B 45 -20.09 14.56 -15.48
C ILE B 45 -19.76 14.32 -14.00
N ARG B 46 -19.48 15.38 -13.24
CA ARG B 46 -19.26 15.18 -11.81
C ARG B 46 -20.53 14.65 -11.14
N PHE B 47 -21.69 15.10 -11.62
CA PHE B 47 -22.98 14.72 -11.07
C PHE B 47 -23.72 13.70 -11.93
N THR B 48 -23.64 13.84 -13.27
CA THR B 48 -24.48 13.03 -14.14
C THR B 48 -24.04 11.56 -14.23
N LEU B 49 -22.75 11.27 -14.12
CA LEU B 49 -22.20 9.93 -14.38
C LEU B 49 -22.34 8.91 -13.24
N PRO B 50 -22.15 9.30 -11.97
CA PRO B 50 -22.33 8.33 -10.86
C PRO B 50 -23.66 7.61 -10.93
N PRO B 51 -24.77 8.30 -11.26
CA PRO B 51 -26.03 7.54 -11.41
C PRO B 51 -25.93 6.42 -12.44
N LEU B 52 -25.19 6.64 -13.53
CA LEU B 52 -25.02 5.58 -14.52
C LEU B 52 -24.17 4.44 -13.97
N VAL B 53 -23.20 4.75 -13.11
CA VAL B 53 -22.42 3.68 -12.50
C VAL B 53 -23.32 2.80 -11.63
N PHE B 54 -24.19 3.43 -10.84
CA PHE B 54 -25.09 2.64 -10.00
C PHE B 54 -26.12 1.89 -10.83
N ALA B 55 -26.56 2.49 -11.94
CA ALA B 55 -27.47 1.78 -12.84
C ALA B 55 -26.79 0.55 -13.43
N ALA B 56 -25.49 0.65 -13.73
CA ALA B 56 -24.77 -0.52 -14.22
C ALA B 56 -24.75 -1.64 -13.19
N TYR B 57 -24.48 -1.30 -11.93
CA TYR B 57 -24.48 -2.34 -10.90
C TYR B 57 -25.85 -2.98 -10.77
N GLN B 58 -26.89 -2.13 -10.76
CA GLN B 58 -28.27 -2.59 -10.69
C GLN B 58 -28.58 -3.56 -11.83
N LEU B 59 -28.17 -3.21 -13.05
CA LEU B 59 -28.44 -4.02 -14.22
C LEU B 59 -27.70 -5.36 -14.14
N ALA B 60 -26.50 -5.37 -13.56
CA ALA B 60 -25.82 -6.64 -13.39
C ALA B 60 -26.59 -7.55 -12.44
N PHE B 61 -27.15 -6.99 -11.36
CA PHE B 61 -27.97 -7.83 -10.49
C PHE B 61 -29.22 -8.33 -11.23
N ARG B 62 -29.77 -7.48 -12.10
CA ARG B 62 -30.91 -7.91 -12.91
C ARG B 62 -30.52 -9.07 -13.82
N TYR B 63 -29.30 -9.04 -14.36
CA TYR B 63 -28.82 -10.15 -15.17
C TYR B 63 -28.67 -11.43 -14.35
N LYS B 64 -28.29 -11.30 -13.07
CA LYS B 64 -28.20 -12.50 -12.26
C LYS B 64 -29.57 -13.10 -11.97
N GLU B 65 -30.62 -12.27 -11.84
CA GLU B 65 -31.94 -12.83 -11.56
C GLU B 65 -32.48 -13.69 -12.70
N ASN B 66 -32.11 -13.39 -13.94
CA ASN B 66 -32.54 -14.17 -15.10
C ASN B 66 -31.43 -15.09 -15.62
N SER B 67 -30.74 -15.78 -14.70
CA SER B 67 -29.63 -16.64 -15.09
C SER B 67 -30.07 -17.76 -16.02
N GLN B 68 -31.24 -18.36 -15.78
CA GLN B 68 -31.67 -19.47 -16.62
C GLN B 68 -32.09 -19.00 -18.01
N MET B 69 -32.80 -17.88 -18.10
CA MET B 69 -33.31 -17.45 -19.40
C MET B 69 -32.19 -16.97 -20.32
N ASP B 70 -31.05 -16.54 -19.77
CA ASP B 70 -29.93 -16.04 -20.56
C ASP B 70 -28.73 -16.95 -20.32
N ASP B 71 -28.19 -17.51 -21.40
CA ASP B 71 -26.98 -18.32 -21.33
C ASP B 71 -25.72 -17.49 -21.41
N LYS B 72 -25.83 -16.18 -21.63
CA LYS B 72 -24.67 -15.32 -21.81
C LYS B 72 -24.56 -14.26 -20.72
N TRP B 73 -25.22 -14.47 -19.57
CA TRP B 73 -25.33 -13.41 -18.57
C TRP B 73 -23.99 -13.14 -17.88
N GLU B 74 -23.13 -14.15 -17.74
CA GLU B 74 -21.85 -13.93 -17.06
C GLU B 74 -20.97 -12.98 -17.89
N LYS B 75 -20.91 -13.22 -19.20
CA LYS B 75 -20.18 -12.32 -20.08
C LYS B 75 -20.85 -10.95 -20.10
N LYS B 76 -22.17 -10.93 -19.91
CA LYS B 76 -22.91 -9.68 -19.86
C LYS B 76 -22.48 -8.88 -18.64
N CYS B 77 -22.31 -9.56 -17.51
CA CYS B 77 -21.83 -8.91 -16.30
C CYS B 77 -20.41 -8.42 -16.46
N GLN B 78 -19.55 -9.21 -17.11
CA GLN B 78 -18.19 -8.76 -17.37
C GLN B 78 -18.21 -7.45 -18.16
N LYS B 79 -19.02 -7.38 -19.21
CA LYS B 79 -19.07 -6.16 -20.00
C LYS B 79 -19.68 -5.01 -19.20
N ILE B 80 -20.64 -5.31 -18.33
CA ILE B 80 -21.26 -4.26 -17.52
C ILE B 80 -20.25 -3.67 -16.55
N PHE B 81 -19.43 -4.52 -15.92
CA PHE B 81 -18.41 -3.99 -15.02
C PHE B 81 -17.30 -3.29 -15.77
N SER B 82 -17.01 -3.70 -17.00
CA SER B 82 -16.07 -2.93 -17.81
C SER B 82 -16.63 -1.53 -18.07
N PHE B 83 -17.95 -1.45 -18.30
CA PHE B 83 -18.60 -0.15 -18.49
C PHE B 83 -18.50 0.71 -17.24
N ALA B 84 -18.80 0.11 -16.08
CA ALA B 84 -18.72 0.84 -14.82
C ALA B 84 -17.30 1.33 -14.56
N HIS B 85 -16.31 0.45 -14.77
CA HIS B 85 -14.92 0.83 -14.63
C HIS B 85 -14.57 2.00 -15.53
N GLN B 86 -15.07 1.98 -16.76
CA GLN B 86 -14.81 3.06 -17.71
C GLN B 86 -15.38 4.39 -17.22
N THR B 87 -16.62 4.37 -16.73
CA THR B 87 -17.26 5.60 -16.28
C THR B 87 -16.57 6.15 -15.03
N ILE B 88 -16.22 5.28 -14.09
CA ILE B 88 -15.53 5.72 -12.90
C ILE B 88 -14.17 6.33 -13.27
N SER B 89 -13.49 5.72 -14.24
CA SER B 89 -12.21 6.27 -14.69
C SER B 89 -12.38 7.64 -15.32
N ALA B 90 -13.48 7.87 -16.04
CA ALA B 90 -13.72 9.21 -16.56
C ALA B 90 -13.96 10.21 -15.43
N LEU B 91 -14.60 9.75 -14.35
CA LEU B 91 -14.73 10.61 -13.18
C LEU B 91 -13.37 10.93 -12.59
N ILE B 92 -12.49 9.93 -12.53
CA ILE B 92 -11.12 10.16 -12.07
C ILE B 92 -10.47 11.23 -12.92
N LYS B 93 -10.63 11.14 -14.25
CA LYS B 93 -10.05 12.12 -15.15
C LYS B 93 -10.70 13.49 -15.02
N ALA B 94 -11.79 13.60 -14.27
CA ALA B 94 -12.37 14.91 -13.99
C ALA B 94 -11.88 15.46 -12.66
N GLU B 95 -10.70 15.03 -12.22
CA GLU B 95 -10.07 15.46 -10.98
C GLU B 95 -11.04 15.35 -9.79
N LEU B 96 -11.43 14.11 -9.55
CA LEU B 96 -12.33 13.75 -8.45
C LEU B 96 -11.66 12.64 -7.66
N ALA B 97 -11.80 12.67 -6.33
CA ALA B 97 -11.04 11.71 -5.55
C ALA B 97 -11.88 10.90 -4.57
N GLU B 98 -12.66 11.57 -3.71
CA GLU B 98 -13.43 10.84 -2.72
C GLU B 98 -14.54 10.05 -3.37
N LEU B 99 -15.26 10.66 -4.32
CA LEU B 99 -16.34 9.95 -5.02
C LEU B 99 -15.86 8.72 -5.78
N PRO B 100 -14.89 8.81 -6.71
CA PRO B 100 -14.48 7.59 -7.45
C PRO B 100 -14.08 6.42 -6.57
N LEU B 101 -13.38 6.66 -5.47
CA LEU B 101 -12.97 5.59 -4.58
C LEU B 101 -14.20 4.90 -3.98
N ARG B 102 -15.20 5.70 -3.60
CA ARG B 102 -16.43 5.14 -3.05
C ARG B 102 -17.14 4.29 -4.08
N LEU B 103 -17.18 4.79 -5.32
CA LEU B 103 -17.80 4.05 -6.41
C LEU B 103 -17.07 2.72 -6.64
N PHE B 104 -15.75 2.74 -6.55
CA PHE B 104 -14.96 1.52 -6.73
C PHE B 104 -15.28 0.51 -5.63
N LEU B 105 -15.47 1.01 -4.41
CA LEU B 105 -15.82 0.10 -3.32
C LEU B 105 -17.19 -0.52 -3.55
N GLN B 106 -18.13 0.28 -4.04
CA GLN B 106 -19.46 -0.24 -4.36
C GLN B 106 -19.38 -1.30 -5.44
N GLY B 107 -18.58 -1.05 -6.47
CA GLY B 107 -18.44 -2.03 -7.54
C GLY B 107 -17.82 -3.34 -7.04
N ALA B 108 -16.86 -3.23 -6.13
CA ALA B 108 -16.26 -4.45 -5.59
C ALA B 108 -17.27 -5.24 -4.77
N LEU B 109 -18.10 -4.54 -3.99
CA LEU B 109 -19.16 -5.20 -3.24
C LEU B 109 -20.11 -5.96 -4.16
N ALA B 110 -20.62 -5.25 -5.16
CA ALA B 110 -21.55 -5.87 -6.11
C ALA B 110 -20.92 -7.07 -6.79
N ALA B 111 -19.73 -6.88 -7.38
CA ALA B 111 -19.05 -7.98 -8.08
C ALA B 111 -18.82 -9.17 -7.17
N GLY B 112 -18.55 -8.94 -5.89
CA GLY B 112 -18.38 -10.05 -4.97
C GLY B 112 -19.67 -10.80 -4.73
N GLU B 113 -20.80 -10.08 -4.63
CA GLU B 113 -22.06 -10.77 -4.36
C GLU B 113 -22.60 -11.51 -5.59
N ILE B 114 -22.43 -10.95 -6.78
CA ILE B 114 -23.09 -11.52 -7.97
C ILE B 114 -22.64 -12.95 -8.19
N GLY B 115 -21.36 -13.16 -8.48
CA GLY B 115 -20.83 -14.50 -8.63
C GLY B 115 -20.59 -14.98 -10.04
N PHE B 116 -20.55 -14.08 -11.02
CA PHE B 116 -20.29 -14.47 -12.40
C PHE B 116 -18.86 -14.94 -12.56
N GLU B 117 -18.61 -15.66 -13.66
CA GLU B 117 -17.27 -16.16 -13.95
C GLU B 117 -16.26 -15.01 -13.97
N ASN B 118 -15.12 -15.24 -13.30
CA ASN B 118 -14.00 -14.30 -13.20
C ASN B 118 -14.40 -13.04 -12.43
N HIS B 119 -15.41 -13.13 -11.56
CA HIS B 119 -15.82 -11.97 -10.79
C HIS B 119 -14.86 -11.65 -9.66
N GLU B 120 -14.13 -12.66 -9.16
CA GLU B 120 -13.16 -12.40 -8.10
C GLU B 120 -12.06 -11.46 -8.57
N THR B 121 -11.59 -11.66 -9.81
CA THR B 121 -10.57 -10.78 -10.35
C THR B 121 -11.08 -9.35 -10.47
N VAL B 122 -12.36 -9.19 -10.83
CA VAL B 122 -12.93 -7.85 -10.98
C VAL B 122 -13.10 -7.19 -9.62
N ALA B 123 -13.56 -7.94 -8.62
CA ALA B 123 -13.70 -7.38 -7.28
C ALA B 123 -12.35 -6.94 -6.74
N TYR B 124 -11.33 -7.79 -6.91
CA TYR B 124 -9.97 -7.41 -6.52
C TYR B 124 -9.53 -6.15 -7.24
N GLU B 125 -9.75 -6.08 -8.56
CA GLU B 125 -9.28 -4.93 -9.32
C GLU B 125 -9.96 -3.64 -8.85
N PHE B 126 -11.25 -3.74 -8.49
CA PHE B 126 -11.97 -2.56 -8.02
C PHE B 126 -11.43 -2.13 -6.66
N MET B 127 -11.12 -3.11 -5.81
CA MET B 127 -10.53 -2.82 -4.51
C MET B 127 -9.18 -2.15 -4.66
N SER B 128 -8.32 -2.70 -5.52
CA SER B 128 -7.00 -2.12 -5.78
C SER B 128 -7.14 -0.69 -6.29
N GLN B 129 -8.15 -0.44 -7.13
CA GLN B 129 -8.33 0.91 -7.63
C GLN B 129 -8.67 1.88 -6.50
N ALA B 130 -9.56 1.46 -5.60
CA ALA B 130 -9.91 2.30 -4.45
C ALA B 130 -8.66 2.59 -3.61
N PHE B 131 -7.86 1.55 -3.36
CA PHE B 131 -6.62 1.72 -2.62
C PHE B 131 -5.66 2.68 -3.34
N SER B 132 -5.58 2.56 -4.66
CA SER B 132 -4.72 3.43 -5.45
C SER B 132 -5.11 4.89 -5.29
N LEU B 133 -6.40 5.17 -5.21
CA LEU B 133 -6.79 6.56 -4.95
C LEU B 133 -6.50 6.95 -3.51
N TYR B 134 -6.63 6.02 -2.56
CA TYR B 134 -6.37 6.34 -1.16
C TYR B 134 -4.92 6.75 -0.95
N GLU B 135 -3.98 5.99 -1.51
CA GLU B 135 -2.56 6.23 -1.23
C GLU B 135 -2.04 7.57 -1.76
N ASP B 136 -2.54 8.03 -2.91
CA ASP B 136 -1.94 9.20 -3.55
C ASP B 136 -2.83 10.44 -3.60
N GLU B 137 -4.16 10.30 -3.68
CA GLU B 137 -4.99 11.50 -3.86
C GLU B 137 -5.77 11.88 -2.62
N ILE B 138 -5.50 11.26 -1.48
CA ILE B 138 -6.22 11.60 -0.26
C ILE B 138 -5.14 12.03 0.74
N SER B 139 -4.91 13.35 0.84
CA SER B 139 -3.90 13.92 1.70
C SER B 139 -4.45 14.29 3.07
N ASP B 140 -5.65 14.87 3.09
CA ASP B 140 -6.25 15.39 4.32
C ASP B 140 -6.36 14.30 5.38
N SER B 141 -6.19 14.73 6.64
CA SER B 141 -6.24 13.80 7.77
CA SER B 141 -6.23 13.79 7.76
C SER B 141 -7.61 13.13 7.88
N LYS B 142 -8.64 13.93 8.08
CA LYS B 142 -10.01 13.43 8.22
C LYS B 142 -10.43 12.61 7.01
N ALA B 143 -10.14 13.12 5.82
CA ALA B 143 -10.49 12.39 4.60
C ALA B 143 -9.75 11.06 4.52
N GLN B 144 -8.49 11.01 4.95
CA GLN B 144 -7.80 9.72 4.98
C GLN B 144 -8.49 8.77 5.95
N LEU B 145 -8.92 9.28 7.10
CA LEU B 145 -9.57 8.41 8.07
C LEU B 145 -10.89 7.88 7.52
N ALA B 146 -11.69 8.76 6.92
CA ALA B 146 -12.99 8.32 6.40
C ALA B 146 -12.83 7.36 5.24
N ALA B 147 -11.89 7.63 4.34
CA ALA B 147 -11.67 6.74 3.21
C ALA B 147 -11.23 5.38 3.71
N ILE B 148 -10.25 5.36 4.62
CA ILE B 148 -9.73 4.06 5.02
C ILE B 148 -10.80 3.30 5.78
N THR B 149 -11.54 3.96 6.69
CA THR B 149 -12.54 3.23 7.47
C THR B 149 -13.63 2.67 6.58
N LEU B 150 -14.02 3.42 5.54
CA LEU B 150 -14.92 2.84 4.55
C LEU B 150 -14.32 1.60 3.91
N ILE B 151 -13.02 1.65 3.58
CA ILE B 151 -12.38 0.49 2.97
C ILE B 151 -12.42 -0.73 3.90
N ILE B 152 -12.06 -0.55 5.19
CA ILE B 152 -12.12 -1.69 6.12
C ILE B 152 -13.53 -2.22 6.23
N GLY B 153 -14.51 -1.33 6.34
CA GLY B 153 -15.89 -1.77 6.49
C GLY B 153 -16.37 -2.55 5.27
N THR B 154 -16.23 -1.96 4.08
CA THR B 154 -16.66 -2.61 2.85
C THR B 154 -15.97 -3.96 2.69
N PHE B 155 -14.65 -3.99 2.84
CA PHE B 155 -13.89 -5.21 2.65
C PHE B 155 -14.22 -6.26 3.70
N GLU B 156 -14.78 -5.86 4.84
CA GLU B 156 -15.10 -6.85 5.87
C GLU B 156 -16.28 -7.72 5.46
N ARG B 157 -17.17 -7.20 4.61
CA ARG B 157 -18.36 -7.93 4.20
C ARG B 157 -18.14 -8.86 3.01
N MET B 158 -17.03 -8.72 2.30
CA MET B 158 -16.80 -9.55 1.12
C MET B 158 -16.39 -10.96 1.53
N LYS B 159 -17.02 -11.96 0.90
CA LYS B 159 -16.72 -13.36 1.14
C LYS B 159 -16.31 -14.08 -0.14
N CYS B 160 -16.06 -13.33 -1.21
CA CYS B 160 -15.76 -13.88 -2.53
C CYS B 160 -14.27 -14.00 -2.77
N PHE B 161 -13.45 -14.00 -1.73
CA PHE B 161 -12.01 -13.89 -1.88
C PHE B 161 -11.33 -15.16 -1.39
N SER B 162 -10.36 -15.64 -2.16
CA SER B 162 -9.55 -16.75 -1.72
C SER B 162 -8.44 -16.21 -0.82
N GLU B 163 -7.77 -17.13 -0.13
CA GLU B 163 -6.68 -16.74 0.77
C GLU B 163 -5.64 -15.95 0.01
N GLU B 164 -5.41 -16.34 -1.26
CA GLU B 164 -4.46 -15.66 -2.15
C GLU B 164 -4.68 -14.16 -2.17
N ASN B 165 -5.91 -13.74 -2.47
CA ASN B 165 -6.27 -12.33 -2.53
C ASN B 165 -6.63 -11.75 -1.17
N HIS B 166 -7.10 -12.58 -0.24
CA HIS B 166 -7.53 -12.05 1.05
C HIS B 166 -6.33 -11.55 1.86
N GLU B 167 -5.23 -12.31 1.87
CA GLU B 167 -4.06 -11.89 2.64
C GLU B 167 -3.52 -10.53 2.23
N PRO B 168 -3.30 -10.22 0.94
CA PRO B 168 -2.77 -8.89 0.61
C PRO B 168 -3.65 -7.77 1.09
N LEU B 169 -4.97 -7.91 0.92
CA LEU B 169 -5.86 -6.84 1.35
C LEU B 169 -5.93 -6.75 2.87
N ARG B 170 -5.82 -7.88 3.56
CA ARG B 170 -5.79 -7.88 5.02
C ARG B 170 -4.59 -7.09 5.54
N THR B 171 -3.38 -7.55 5.18
CA THR B 171 -2.17 -6.89 5.65
C THR B 171 -2.08 -5.45 5.15
N GLN B 172 -2.54 -5.20 3.91
CA GLN B 172 -2.48 -3.85 3.38
C GLN B 172 -3.43 -2.92 4.13
N CYS B 173 -4.58 -3.43 4.55
CA CYS B 173 -5.52 -2.62 5.32
C CYS B 173 -4.93 -2.29 6.69
N ALA B 174 -4.34 -3.28 7.35
CA ALA B 174 -3.70 -3.03 8.63
C ALA B 174 -2.59 -1.99 8.50
N LEU B 175 -1.66 -2.22 7.57
CA LEU B 175 -0.57 -1.27 7.33
C LEU B 175 -1.09 0.14 7.04
N ALA B 176 -2.03 0.27 6.10
CA ALA B 176 -2.55 1.59 5.75
C ALA B 176 -3.23 2.25 6.94
N ALA B 177 -3.86 1.47 7.82
CA ALA B 177 -4.50 2.04 8.99
C ALA B 177 -3.50 2.43 10.07
N SER B 178 -2.32 1.79 10.10
CA SER B 178 -1.35 2.10 11.13
C SER B 178 -0.46 3.29 10.80
N LYS B 179 -0.55 3.85 9.59
CA LYS B 179 0.30 4.96 9.18
C LYS B 179 -0.52 6.24 8.98
N LEU B 180 -1.65 6.34 9.67
CA LEU B 180 -2.47 7.55 9.66
C LEU B 180 -1.74 8.67 10.41
N LEU B 181 -2.15 9.90 10.10
CA LEU B 181 -1.48 11.08 10.63
C LEU B 181 -1.52 11.10 12.16
N LYS B 182 -2.68 11.36 12.73
CA LYS B 182 -2.81 11.42 14.18
C LYS B 182 -2.72 10.04 14.80
N LYS B 183 -2.23 9.99 16.04
CA LYS B 183 -2.03 8.75 16.78
C LYS B 183 -3.36 8.21 17.29
N PRO B 184 -4.29 9.05 17.79
CA PRO B 184 -5.61 8.51 18.16
C PRO B 184 -6.31 7.89 16.96
N ASP B 185 -6.34 8.60 15.83
CA ASP B 185 -6.93 8.08 14.62
C ASP B 185 -6.30 6.74 14.24
N GLN B 186 -4.98 6.66 14.34
CA GLN B 186 -4.25 5.46 14.01
C GLN B 186 -4.68 4.28 14.89
N GLY B 187 -4.87 4.54 16.19
CA GLY B 187 -5.28 3.47 17.08
C GLY B 187 -6.70 3.02 16.80
N ARG B 188 -7.59 3.97 16.53
CA ARG B 188 -8.97 3.62 16.19
C ARG B 188 -9.00 2.76 14.93
N ALA B 189 -8.25 3.17 13.91
CA ALA B 189 -8.22 2.43 12.65
C ALA B 189 -7.68 1.02 12.85
N VAL B 190 -6.62 0.85 13.63
CA VAL B 190 -6.09 -0.49 13.84
C VAL B 190 -7.11 -1.35 14.61
N SER B 191 -7.82 -0.74 15.56
CA SER B 191 -8.84 -1.49 16.29
C SER B 191 -9.95 -1.93 15.36
N THR B 192 -10.36 -1.06 14.44
CA THR B 192 -11.35 -1.44 13.45
C THR B 192 -10.82 -2.54 12.53
N CYS B 193 -9.51 -2.48 12.21
CA CYS B 193 -8.91 -3.48 11.33
C CYS B 193 -8.85 -4.85 12.00
N ALA B 194 -8.99 -4.91 13.31
CA ALA B 194 -8.99 -6.21 13.98
C ALA B 194 -10.12 -7.10 13.46
N HIS B 195 -11.24 -6.51 13.05
CA HIS B 195 -12.39 -7.27 12.56
C HIS B 195 -12.08 -8.10 11.32
N LEU B 196 -11.20 -7.63 10.43
CA LEU B 196 -10.83 -8.42 9.26
C LEU B 196 -10.20 -9.74 9.66
N PHE B 197 -9.43 -9.73 10.73
CA PHE B 197 -8.75 -10.92 11.20
C PHE B 197 -9.64 -11.82 12.04
N TRP B 198 -10.92 -11.49 12.19
CA TRP B 198 -11.83 -12.40 12.87
C TRP B 198 -13.04 -12.73 12.00
N SER B 199 -13.87 -11.72 11.71
CA SER B 199 -15.12 -11.87 10.97
C SER B 199 -14.94 -11.95 9.46
N GLY B 200 -13.72 -12.08 8.97
CA GLY B 200 -13.51 -12.22 7.53
C GLY B 200 -13.83 -13.63 7.06
N ARG B 201 -14.28 -13.71 5.80
CA ARG B 201 -14.66 -14.97 5.19
C ARG B 201 -13.90 -15.13 3.89
N ASN B 202 -13.48 -16.36 3.59
CA ASN B 202 -12.74 -16.65 2.36
C ASN B 202 -13.28 -17.92 1.72
N THR B 203 -12.91 -18.13 0.46
CA THR B 203 -13.44 -19.25 -0.31
C THR B 203 -13.00 -20.61 0.23
N ASP B 204 -11.78 -20.70 0.76
CA ASP B 204 -11.21 -22.00 1.14
C ASP B 204 -11.68 -22.53 2.49
N LYS B 205 -12.37 -21.73 3.31
CA LYS B 205 -12.87 -22.23 4.58
C LYS B 205 -14.27 -22.80 4.46
N ASN B 206 -14.70 -23.07 3.23
CA ASN B 206 -16.03 -23.59 2.95
C ASN B 206 -17.09 -22.79 3.67
N GLY B 207 -17.05 -21.47 3.48
CA GLY B 207 -18.05 -20.60 4.04
C GLY B 207 -17.76 -20.17 5.46
N GLU B 208 -16.80 -20.81 6.14
CA GLU B 208 -16.55 -20.51 7.53
C GLU B 208 -15.86 -19.16 7.67
N GLU B 209 -16.07 -18.53 8.82
CA GLU B 209 -15.33 -17.33 9.15
C GLU B 209 -13.91 -17.75 9.49
N LEU B 210 -12.95 -16.88 9.17
CA LEU B 210 -11.55 -17.26 9.38
C LEU B 210 -11.26 -17.52 10.85
N HIS B 211 -11.86 -16.74 11.76
CA HIS B 211 -11.69 -16.90 13.21
C HIS B 211 -10.21 -17.00 13.61
N GLY B 212 -9.45 -15.98 13.24
CA GLY B 212 -8.05 -15.96 13.58
C GLY B 212 -7.79 -15.32 14.92
N GLY B 213 -8.05 -16.07 16.00
CA GLY B 213 -7.97 -15.51 17.34
C GLY B 213 -6.65 -14.86 17.64
N LYS B 214 -5.55 -15.59 17.43
CA LYS B 214 -4.22 -15.03 17.67
C LYS B 214 -3.98 -13.83 16.78
N ARG B 215 -4.42 -13.92 15.52
CA ARG B 215 -4.27 -12.80 14.59
C ARG B 215 -5.04 -11.58 15.05
N VAL B 216 -6.17 -11.80 15.74
CA VAL B 216 -6.96 -10.69 16.29
C VAL B 216 -6.20 -9.97 17.40
N MET B 217 -5.65 -10.75 18.34
CA MET B 217 -4.94 -10.18 19.49
C MET B 217 -3.81 -9.25 19.04
N GLU B 218 -3.03 -9.70 18.07
CA GLU B 218 -1.92 -8.89 17.56
C GLU B 218 -2.37 -7.47 17.22
N CYS B 219 -3.52 -7.36 16.54
CA CYS B 219 -4.04 -6.05 16.17
C CYS B 219 -4.39 -5.24 17.41
N LEU B 220 -5.03 -5.88 18.40
CA LEU B 220 -5.46 -5.18 19.60
C LEU B 220 -4.26 -4.78 20.46
N LYS B 221 -3.26 -5.65 20.54
CA LYS B 221 -2.01 -5.31 21.23
C LYS B 221 -1.41 -4.03 20.66
N LYS B 222 -1.32 -3.94 19.34
CA LYS B 222 -0.74 -2.75 18.73
C LYS B 222 -1.58 -1.51 19.03
N ALA B 223 -2.88 -1.67 19.20
CA ALA B 223 -3.74 -0.53 19.49
C ALA B 223 -3.41 0.08 20.86
N LEU B 224 -3.15 -0.76 21.87
CA LEU B 224 -2.79 -0.25 23.18
C LEU B 224 -1.48 0.54 23.10
N LYS B 225 -0.47 -0.03 22.46
CA LYS B 225 0.84 0.62 22.36
C LYS B 225 0.71 2.04 21.81
N ILE B 226 -0.19 2.24 20.84
CA ILE B 226 -0.39 3.58 20.29
C ILE B 226 -1.02 4.50 21.33
N ALA B 227 -1.88 3.96 22.20
CA ALA B 227 -2.60 4.80 23.16
C ALA B 227 -1.68 5.41 24.21
N ASN B 228 -0.63 4.69 24.63
CA ASN B 228 0.29 5.27 25.61
C ASN B 228 1.00 6.49 25.03
N GLN B 229 1.37 6.44 23.76
CA GLN B 229 2.13 7.54 23.17
C GLN B 229 1.27 8.75 22.90
N CYS B 230 0.02 8.78 23.35
CA CYS B 230 -0.83 9.93 23.07
C CYS B 230 -0.43 11.15 23.89
N MET B 231 0.19 10.94 25.04
CA MET B 231 0.68 12.01 25.91
C MET B 231 -0.41 13.03 26.27
N ASP B 232 -1.68 12.65 26.15
CA ASP B 232 -2.78 13.58 26.44
C ASP B 232 -3.82 12.87 27.30
N PRO B 233 -3.86 13.15 28.62
CA PRO B 233 -4.76 12.45 29.54
C PRO B 233 -6.17 12.16 29.03
N SER B 234 -6.93 13.17 28.62
CA SER B 234 -8.30 12.94 28.18
C SER B 234 -8.39 11.97 27.00
N LEU B 235 -7.82 12.33 25.85
CA LEU B 235 -7.86 11.45 24.68
C LEU B 235 -7.19 10.10 24.96
N GLN B 236 -6.14 10.10 25.75
CA GLN B 236 -5.45 8.84 25.97
C GLN B 236 -6.39 7.90 26.66
N VAL B 237 -7.20 8.46 27.53
CA VAL B 237 -8.14 7.70 28.30
C VAL B 237 -9.26 7.15 27.45
N GLN B 238 -9.80 8.00 26.57
CA GLN B 238 -10.90 7.65 25.69
C GLN B 238 -10.64 6.36 24.97
N LEU B 239 -9.48 6.27 24.35
CA LEU B 239 -9.06 5.09 23.63
C LEU B 239 -9.17 3.86 24.47
N PHE B 240 -8.65 3.92 25.68
CA PHE B 240 -8.71 2.80 26.58
C PHE B 240 -10.11 2.28 26.75
N ILE B 241 -11.09 3.16 26.98
CA ILE B 241 -12.44 2.60 27.11
C ILE B 241 -12.83 1.94 25.78
N GLU B 242 -12.46 2.58 24.65
CA GLU B 242 -12.78 1.98 23.34
C GLU B 242 -12.09 0.62 23.09
N ILE B 243 -10.79 0.53 23.35
CA ILE B 243 -10.08 -0.72 23.05
C ILE B 243 -10.60 -1.84 23.93
N LEU B 244 -10.88 -1.53 25.20
CA LEU B 244 -11.48 -2.53 26.09
C LEU B 244 -12.82 -3.00 25.54
N ASN B 245 -13.64 -2.04 25.05
CA ASN B 245 -14.93 -2.40 24.47
C ASN B 245 -14.77 -3.36 23.28
N ARG B 246 -13.79 -3.09 22.42
CA ARG B 246 -13.55 -3.97 21.28
C ARG B 246 -13.15 -5.36 21.78
N TYR B 247 -12.38 -5.38 22.87
CA TYR B 247 -11.99 -6.62 23.51
C TYR B 247 -13.22 -7.39 23.98
N ILE B 248 -14.21 -6.65 24.49
CA ILE B 248 -15.46 -7.26 24.94
C ILE B 248 -16.20 -7.88 23.77
N TYR B 249 -16.24 -7.17 22.63
CA TYR B 249 -16.90 -7.72 21.45
C TYR B 249 -16.30 -9.08 21.10
N PHE B 250 -14.98 -9.14 20.95
CA PHE B 250 -14.37 -10.40 20.56
C PHE B 250 -14.45 -11.46 21.65
N TYR B 251 -14.41 -11.06 22.93
CA TYR B 251 -14.58 -12.05 23.99
C TYR B 251 -15.98 -12.65 23.94
N GLU B 252 -17.01 -11.80 23.83
CA GLU B 252 -18.40 -12.22 23.78
C GLU B 252 -18.75 -12.93 22.48
N LYS B 253 -17.85 -13.01 21.52
CA LYS B 253 -18.11 -13.82 20.33
C LYS B 253 -17.38 -15.17 20.37
N GLU B 254 -17.19 -15.72 21.58
CA GLU B 254 -16.54 -17.01 21.83
C GLU B 254 -15.19 -17.13 21.13
N ASN B 255 -14.34 -16.13 21.33
CA ASN B 255 -12.97 -16.17 20.83
C ASN B 255 -12.08 -16.58 22.00
N ASP B 256 -11.52 -17.80 21.94
CA ASP B 256 -10.65 -18.29 23.00
C ASP B 256 -9.39 -17.46 23.17
N ALA B 257 -8.99 -16.70 22.14
CA ALA B 257 -7.74 -15.95 22.21
C ALA B 257 -7.79 -14.86 23.27
N VAL B 258 -8.98 -14.36 23.59
CA VAL B 258 -9.13 -13.35 24.64
C VAL B 258 -9.14 -14.05 25.99
N THR B 259 -8.35 -13.55 26.93
CA THR B 259 -8.22 -14.14 28.25
C THR B 259 -8.80 -13.19 29.29
N ILE B 260 -9.08 -13.72 30.48
CA ILE B 260 -9.61 -12.85 31.52
C ILE B 260 -8.49 -12.03 32.14
N GLN B 261 -7.25 -12.54 32.12
CA GLN B 261 -6.13 -11.77 32.66
C GLN B 261 -5.90 -10.51 31.83
N VAL B 262 -6.01 -10.63 30.50
CA VAL B 262 -5.83 -9.46 29.65
C VAL B 262 -6.89 -8.42 29.98
N LEU B 263 -8.13 -8.87 30.18
CA LEU B 263 -9.21 -7.97 30.55
C LEU B 263 -8.93 -7.32 31.89
N ASN B 264 -8.47 -8.10 32.87
CA ASN B 264 -8.22 -7.58 34.20
C ASN B 264 -7.09 -6.55 34.19
N GLN B 265 -5.98 -6.85 33.51
CA GLN B 265 -4.90 -5.87 33.46
C GLN B 265 -5.33 -4.60 32.75
N LEU B 266 -5.96 -4.72 31.58
CA LEU B 266 -6.32 -3.50 30.87
C LEU B 266 -7.32 -2.69 31.69
N ILE B 267 -8.30 -3.37 32.30
CA ILE B 267 -9.35 -2.67 33.06
C ILE B 267 -8.75 -2.00 34.29
N GLN B 268 -7.74 -2.62 34.88
CA GLN B 268 -7.03 -2.02 35.98
C GLN B 268 -6.26 -0.79 35.52
N LYS B 269 -5.59 -0.89 34.38
CA LYS B 269 -4.85 0.27 33.85
C LYS B 269 -5.76 1.46 33.59
N ILE B 270 -7.02 1.22 33.16
CA ILE B 270 -7.93 2.38 33.08
C ILE B 270 -8.24 2.89 34.48
N ARG B 271 -8.54 1.98 35.41
CA ARG B 271 -8.97 2.41 36.75
C ARG B 271 -7.87 3.18 37.49
N GLU B 272 -6.60 2.91 37.20
CA GLU B 272 -5.50 3.52 37.95
C GLU B 272 -5.39 5.03 37.68
N ASP B 273 -5.31 5.43 36.42
CA ASP B 273 -5.10 6.83 36.08
C ASP B 273 -6.40 7.58 35.77
N LEU B 274 -7.55 6.90 35.77
CA LEU B 274 -8.82 7.52 35.41
C LEU B 274 -9.17 8.76 36.22
N PRO B 275 -9.11 8.78 37.55
CA PRO B 275 -9.57 9.97 38.28
C PRO B 275 -8.74 11.23 38.01
N ASN B 276 -7.52 11.10 37.50
CA ASN B 276 -6.57 12.21 37.40
C ASN B 276 -6.86 13.25 36.30
N LEU B 277 -8.13 13.41 35.90
CA LEU B 277 -8.52 14.45 34.95
C LEU B 277 -9.40 15.49 35.61
N GLU B 278 -9.33 16.71 35.06
CA GLU B 278 -10.04 17.86 35.60
C GLU B 278 -11.51 17.80 35.26
N SER B 279 -12.35 18.15 36.24
CA SER B 279 -13.79 18.04 36.09
C SER B 279 -14.31 18.93 34.96
N SER B 280 -15.07 18.31 34.05
CA SER B 280 -15.66 18.99 32.90
C SER B 280 -16.75 18.09 32.34
N GLU B 281 -17.49 18.62 31.35
CA GLU B 281 -18.48 17.81 30.66
C GLU B 281 -17.83 16.70 29.85
N GLU B 282 -16.66 16.99 29.27
CA GLU B 282 -15.97 15.99 28.47
C GLU B 282 -15.59 14.79 29.32
N THR B 283 -14.88 15.05 30.41
CA THR B 283 -14.53 13.94 31.29
C THR B 283 -15.78 13.32 31.90
N GLU B 284 -16.85 14.10 32.06
CA GLU B 284 -18.13 13.59 32.56
C GLU B 284 -18.65 12.45 31.69
N GLN B 285 -18.82 12.72 30.39
CA GLN B 285 -19.29 11.67 29.50
C GLN B 285 -18.31 10.51 29.43
N ILE B 286 -17.00 10.78 29.50
CA ILE B 286 -16.10 9.61 29.43
C ILE B 286 -16.23 8.74 30.70
N ASN B 287 -16.41 9.35 31.89
CA ASN B 287 -16.60 8.52 33.08
C ASN B 287 -17.86 7.69 32.92
N LYS B 288 -18.94 8.32 32.44
CA LYS B 288 -20.16 7.56 32.25
C LYS B 288 -19.95 6.44 31.24
N HIS B 289 -19.15 6.67 30.21
CA HIS B 289 -18.89 5.63 29.22
C HIS B 289 -18.25 4.42 29.89
N PHE B 290 -17.25 4.68 30.74
CA PHE B 290 -16.63 3.57 31.48
C PHE B 290 -17.65 2.89 32.41
N HIS B 291 -18.50 3.68 33.07
CA HIS B 291 -19.49 3.10 33.96
C HIS B 291 -20.48 2.21 33.20
N ASN B 292 -20.89 2.64 32.01
CA ASN B 292 -21.77 1.81 31.18
C ASN B 292 -21.09 0.51 30.79
N THR B 293 -19.79 0.57 30.46
CA THR B 293 -19.06 -0.66 30.19
C THR B 293 -19.09 -1.60 31.39
N LEU B 294 -18.79 -1.05 32.58
CA LEU B 294 -18.78 -1.87 33.79
C LEU B 294 -20.15 -2.48 34.05
N GLU B 295 -21.20 -1.66 33.93
CA GLU B 295 -22.56 -2.14 34.15
C GLU B 295 -22.91 -3.27 33.18
N HIS B 296 -22.62 -3.07 31.89
CA HIS B 296 -22.86 -4.14 30.92
C HIS B 296 -22.14 -5.41 31.34
N LEU B 297 -20.90 -5.27 31.83
CA LEU B 297 -20.16 -6.44 32.26
C LEU B 297 -20.81 -7.09 33.48
N ARG B 298 -21.53 -6.30 34.29
CA ARG B 298 -22.22 -6.83 35.46
C ARG B 298 -23.27 -7.88 35.06
N SER B 299 -23.92 -7.70 33.90
CA SER B 299 -25.01 -8.58 33.50
C SER B 299 -24.62 -10.04 33.34
N ARG B 300 -25.18 -10.88 34.23
CA ARG B 300 -25.01 -12.32 34.24
C ARG B 300 -23.55 -12.73 34.01
N ARG B 301 -22.68 -12.40 34.96
CA ARG B 301 -21.27 -12.73 34.82
C ARG B 301 -21.08 -14.25 34.74
N GLU B 302 -20.51 -14.72 33.63
CA GLU B 302 -20.04 -16.09 33.52
C GLU B 302 -18.59 -15.95 33.07
N SER B 303 -17.87 -15.09 33.78
CA SER B 303 -16.52 -14.66 33.47
C SER B 303 -15.95 -13.91 34.67
N PRO B 304 -14.99 -14.50 35.39
CA PRO B 304 -14.45 -13.89 36.61
C PRO B 304 -13.79 -12.52 36.40
N GLU B 305 -13.31 -11.93 37.49
CA GLU B 305 -12.61 -10.65 37.43
C GLU B 305 -11.63 -10.61 38.60
N LEU C 2 30.58 16.49 -25.57
CA LEU C 2 31.20 15.72 -24.50
C LEU C 2 30.29 15.66 -23.27
N VAL C 3 30.04 14.46 -22.76
CA VAL C 3 29.19 14.25 -21.59
C VAL C 3 30.01 13.57 -20.49
N LEU C 4 29.66 13.87 -19.24
CA LEU C 4 30.31 13.32 -18.06
C LEU C 4 29.41 12.31 -17.36
N VAL C 5 29.93 11.11 -17.12
CA VAL C 5 29.20 10.03 -16.46
C VAL C 5 29.91 9.68 -15.15
N LEU C 6 29.18 9.78 -14.04
CA LEU C 6 29.72 9.47 -12.72
C LEU C 6 28.60 8.96 -11.83
N GLY C 7 28.96 8.43 -10.66
CA GLY C 7 27.94 7.99 -9.74
C GLY C 7 28.52 7.41 -8.46
N ASP C 8 27.61 6.92 -7.62
CA ASP C 8 27.92 6.27 -6.35
C ASP C 8 28.88 7.10 -5.52
N LEU C 9 28.57 8.40 -5.43
CA LEU C 9 29.39 9.30 -4.62
C LEU C 9 29.28 8.95 -3.14
N HIS C 10 28.07 8.69 -2.66
CA HIS C 10 27.82 8.31 -1.27
C HIS C 10 28.34 9.34 -0.27
N ILE C 11 28.18 10.62 -0.60
CA ILE C 11 28.50 11.69 0.33
C ILE C 11 27.23 11.99 1.10
N PRO C 12 27.25 12.03 2.45
CA PRO C 12 28.34 11.83 3.41
C PRO C 12 28.34 10.45 4.08
N HIS C 13 27.50 9.51 3.60
CA HIS C 13 27.37 8.21 4.25
C HIS C 13 28.71 7.47 4.28
N ARG C 14 29.40 7.40 3.13
CA ARG C 14 30.67 6.70 3.04
C ARG C 14 31.86 7.60 2.70
N CYS C 15 31.64 8.77 2.09
CA CYS C 15 32.73 9.68 1.75
C CYS C 15 32.37 11.10 2.18
N ASN C 16 33.39 11.89 2.53
CA ASN C 16 33.18 13.29 2.88
C ASN C 16 33.38 14.22 1.69
N SER C 17 34.19 13.82 0.71
CA SER C 17 34.43 14.64 -0.47
C SER C 17 35.03 13.76 -1.55
N LEU C 18 35.22 14.34 -2.72
CA LEU C 18 35.89 13.68 -3.84
C LEU C 18 37.39 13.90 -3.74
N PRO C 19 38.19 13.04 -4.38
CA PRO C 19 39.64 13.25 -4.36
C PRO C 19 40.01 14.61 -4.94
N ALA C 20 40.96 15.29 -4.28
CA ALA C 20 41.36 16.62 -4.71
C ALA C 20 41.71 16.66 -6.19
N LYS C 21 42.42 15.64 -6.67
CA LYS C 21 42.79 15.56 -8.08
C LYS C 21 41.54 15.55 -8.96
N PHE C 22 40.55 14.74 -8.60
CA PHE C 22 39.32 14.67 -9.38
C PHE C 22 38.60 16.02 -9.39
N LYS C 23 38.59 16.69 -8.23
CA LYS C 23 38.00 18.03 -8.14
C LYS C 23 38.74 19.00 -9.06
N LYS C 24 40.06 18.82 -9.18
CA LYS C 24 40.86 19.63 -10.10
C LYS C 24 40.42 19.38 -11.53
N LEU C 25 40.34 18.11 -11.92
CA LEU C 25 39.98 17.77 -13.30
C LEU C 25 38.57 18.25 -13.65
N LEU C 26 37.63 18.13 -12.71
CA LEU C 26 36.26 18.54 -12.98
C LEU C 26 36.15 20.04 -12.77
N VAL C 27 36.14 20.78 -13.89
CA VAL C 27 36.00 22.24 -13.86
C VAL C 27 34.90 22.61 -14.85
N PRO C 28 34.05 23.58 -14.53
CA PRO C 28 32.91 23.87 -15.41
C PRO C 28 33.34 24.54 -16.71
N GLY C 29 32.42 24.52 -17.66
CA GLY C 29 32.65 25.10 -18.97
C GLY C 29 33.12 24.08 -19.99
N LYS C 30 34.12 23.27 -19.62
CA LYS C 30 34.56 22.19 -20.49
C LYS C 30 33.56 21.05 -20.56
N ILE C 31 32.63 20.98 -19.62
CA ILE C 31 31.60 19.94 -19.55
C ILE C 31 30.24 20.59 -19.70
N GLN C 32 29.40 20.03 -20.57
CA GLN C 32 28.08 20.62 -20.81
C GLN C 32 26.90 19.76 -20.39
N HIS C 33 27.06 18.45 -20.26
CA HIS C 33 26.02 17.55 -19.80
C HIS C 33 26.60 16.51 -18.85
N ILE C 34 25.78 16.07 -17.89
CA ILE C 34 26.19 15.11 -16.88
C ILE C 34 25.11 14.03 -16.75
N LEU C 35 25.53 12.77 -16.83
CA LEU C 35 24.67 11.62 -16.58
C LEU C 35 25.20 10.93 -15.32
N CYS C 36 24.40 10.96 -14.25
CA CYS C 36 24.80 10.40 -12.97
C CYS C 36 23.87 9.27 -12.59
N THR C 37 24.46 8.14 -12.16
CA THR C 37 23.71 6.97 -11.75
C THR C 37 23.55 6.87 -10.24
N GLY C 38 24.57 7.25 -9.49
CA GLY C 38 24.66 6.90 -8.10
C GLY C 38 23.85 7.72 -7.13
N ASN C 39 23.93 7.28 -5.88
CA ASN C 39 23.33 7.94 -4.73
C ASN C 39 24.36 8.89 -4.13
N LEU C 40 24.29 10.14 -4.56
CA LEU C 40 25.08 11.21 -3.96
C LEU C 40 24.48 11.69 -2.65
N CYS C 41 23.31 11.16 -2.28
CA CYS C 41 22.65 11.49 -1.02
C CYS C 41 22.38 12.98 -0.92
N THR C 42 23.21 13.70 -0.15
CA THR C 42 22.99 15.11 0.13
C THR C 42 22.69 15.91 -1.14
N LYS C 43 21.85 16.93 -0.98
CA LYS C 43 21.52 17.83 -2.08
C LYS C 43 22.70 18.73 -2.43
N GLU C 44 23.62 18.94 -1.49
CA GLU C 44 24.82 19.74 -1.74
C GLU C 44 25.59 19.20 -2.94
N SER C 45 25.77 17.87 -3.00
CA SER C 45 26.46 17.27 -4.13
C SER C 45 25.70 17.52 -5.43
N TYR C 46 24.37 17.51 -5.37
CA TYR C 46 23.58 17.83 -6.56
C TYR C 46 23.84 19.26 -7.03
N ASP C 47 23.84 20.20 -6.09
CA ASP C 47 24.10 21.58 -6.48
C ASP C 47 25.50 21.73 -7.06
N TYR C 48 26.48 21.03 -6.48
CA TYR C 48 27.83 21.07 -7.04
C TYR C 48 27.85 20.52 -8.47
N LEU C 49 27.16 19.40 -8.69
CA LEU C 49 27.08 18.84 -10.04
C LEU C 49 26.43 19.84 -10.98
N LYS C 50 25.41 20.55 -10.50
CA LYS C 50 24.74 21.57 -11.29
C LYS C 50 25.64 22.76 -11.56
N THR C 51 26.62 23.01 -10.68
CA THR C 51 27.60 24.04 -10.96
C THR C 51 28.54 23.60 -12.07
N LEU C 52 28.79 22.30 -12.17
CA LEU C 52 29.71 21.85 -13.22
C LEU C 52 29.11 22.03 -14.61
N ALA C 53 27.80 21.81 -14.77
CA ALA C 53 27.21 21.93 -16.09
C ALA C 53 25.70 22.07 -16.01
N GLY C 54 25.11 22.54 -17.11
CA GLY C 54 23.67 22.54 -17.26
C GLY C 54 23.20 21.19 -17.77
N ASP C 55 21.88 21.01 -17.76
CA ASP C 55 21.25 19.76 -18.19
C ASP C 55 21.95 18.55 -17.55
N VAL C 56 21.69 18.38 -16.25
CA VAL C 56 22.21 17.25 -15.48
C VAL C 56 21.07 16.27 -15.25
N HIS C 57 21.33 14.99 -15.46
CA HIS C 57 20.30 13.97 -15.39
C HIS C 57 20.73 12.89 -14.43
N ILE C 58 19.84 12.56 -13.49
CA ILE C 58 20.15 11.61 -12.42
C ILE C 58 19.04 10.57 -12.36
N VAL C 59 19.38 9.42 -11.78
CA VAL C 59 18.43 8.37 -11.48
C VAL C 59 18.52 8.06 -10.00
N ARG C 60 17.41 7.62 -9.43
CA ARG C 60 17.37 7.37 -8.00
C ARG C 60 18.25 6.19 -7.63
N GLY C 61 19.02 6.37 -6.56
CA GLY C 61 19.82 5.32 -5.99
C GLY C 61 19.18 4.76 -4.73
N ASP C 62 19.77 3.67 -4.24
CA ASP C 62 19.19 2.99 -3.09
C ASP C 62 19.23 3.86 -1.84
N PHE C 63 20.11 4.85 -1.81
CA PHE C 63 20.24 5.72 -0.65
C PHE C 63 19.85 7.16 -0.94
N ASP C 64 19.40 7.49 -2.16
CA ASP C 64 18.92 8.83 -2.44
C ASP C 64 17.59 9.05 -1.75
N GLU C 65 17.56 9.98 -0.81
CA GLU C 65 16.32 10.39 -0.18
C GLU C 65 15.57 11.50 -0.91
N ASN C 66 16.07 12.01 -2.04
CA ASN C 66 15.48 13.23 -2.59
C ASN C 66 14.24 12.93 -3.42
N LEU C 67 13.90 11.65 -3.59
CA LEU C 67 12.64 11.17 -4.12
C LEU C 67 12.34 11.63 -5.55
N ASN C 68 12.33 12.95 -5.80
CA ASN C 68 12.00 13.47 -7.12
C ASN C 68 12.84 12.89 -8.26
N TYR C 69 13.92 12.19 -7.94
CA TYR C 69 14.69 11.55 -8.99
C TYR C 69 13.91 10.40 -9.61
N PRO C 70 14.01 10.21 -10.93
CA PRO C 70 13.34 9.08 -11.56
C PRO C 70 14.08 7.79 -11.26
N GLU C 71 13.32 6.69 -11.18
CA GLU C 71 13.93 5.39 -10.95
C GLU C 71 14.82 4.99 -12.12
N GLN C 72 14.36 5.23 -13.33
CA GLN C 72 15.12 4.92 -14.54
C GLN C 72 14.78 6.00 -15.56
N LYS C 73 15.74 6.34 -16.40
CA LYS C 73 15.47 7.37 -17.38
C LYS C 73 16.16 7.01 -18.70
N VAL C 74 15.64 7.58 -19.77
CA VAL C 74 16.18 7.36 -21.11
C VAL C 74 16.29 8.72 -21.79
N VAL C 75 17.49 9.06 -22.25
CA VAL C 75 17.73 10.35 -22.87
C VAL C 75 18.49 10.13 -24.17
N THR C 76 18.31 11.03 -25.13
CA THR C 76 18.91 10.86 -26.45
C THR C 76 19.97 11.93 -26.72
N VAL C 77 21.11 11.48 -27.24
CA VAL C 77 22.26 12.31 -27.59
C VAL C 77 22.66 11.93 -29.02
N GLY C 78 22.19 12.71 -29.99
CA GLY C 78 22.42 12.49 -31.41
C GLY C 78 21.76 11.25 -31.98
N GLN C 79 22.56 10.30 -32.46
CA GLN C 79 22.01 9.02 -32.89
C GLN C 79 21.90 8.04 -31.74
N PHE C 80 22.26 8.44 -30.54
CA PHE C 80 22.36 7.52 -29.41
C PHE C 80 21.22 7.67 -28.43
N LYS C 81 20.58 6.56 -28.14
CA LYS C 81 19.61 6.47 -27.06
C LYS C 81 20.40 5.88 -25.89
N ILE C 82 20.51 6.62 -24.79
CA ILE C 82 21.31 6.23 -23.65
C ILE C 82 20.39 6.02 -22.47
N GLY C 83 20.64 4.94 -21.73
CA GLY C 83 19.81 4.55 -20.60
C GLY C 83 20.53 4.75 -19.28
N LEU C 84 19.80 5.27 -18.29
CA LEU C 84 20.35 5.62 -17.00
C LEU C 84 19.56 4.90 -15.92
N ILE C 85 20.27 4.08 -15.14
CA ILE C 85 19.70 3.37 -14.01
C ILE C 85 20.81 3.16 -12.98
N HIS C 86 20.44 3.17 -11.71
CA HIS C 86 21.44 3.06 -10.65
C HIS C 86 21.91 1.63 -10.46
N GLY C 87 21.15 0.64 -10.95
CA GLY C 87 21.62 -0.73 -11.05
C GLY C 87 21.16 -1.66 -9.95
N HIS C 88 20.72 -1.15 -8.80
CA HIS C 88 20.31 -2.07 -7.74
C HIS C 88 19.03 -2.82 -8.10
N GLN C 89 18.27 -2.34 -9.09
CA GLN C 89 17.07 -3.03 -9.53
C GLN C 89 17.41 -4.19 -10.45
N VAL C 90 18.63 -4.22 -10.97
CA VAL C 90 19.09 -5.28 -11.85
C VAL C 90 19.60 -6.41 -10.95
N ILE C 91 18.92 -7.55 -10.96
CA ILE C 91 19.29 -8.70 -10.15
C ILE C 91 19.68 -9.82 -11.11
N PRO C 92 20.85 -10.46 -10.93
CA PRO C 92 21.97 -10.11 -10.05
C PRO C 92 22.54 -8.71 -10.33
N TRP C 93 23.17 -8.12 -9.31
CA TRP C 93 23.57 -6.72 -9.38
C TRP C 93 24.50 -6.42 -10.55
N GLY C 94 25.52 -7.24 -10.76
CA GLY C 94 26.45 -6.98 -11.83
C GLY C 94 26.31 -7.87 -13.04
N ASP C 95 25.30 -8.73 -13.09
CA ASP C 95 25.13 -9.65 -14.21
C ASP C 95 24.84 -8.88 -15.49
N MET C 96 25.57 -9.22 -16.56
CA MET C 96 25.34 -8.57 -17.85
C MET C 96 24.10 -9.12 -18.55
N ALA C 97 23.78 -10.40 -18.36
CA ALA C 97 22.59 -10.96 -19.00
C ALA C 97 21.33 -10.24 -18.55
N SER C 98 21.20 -10.00 -17.23
CA SER C 98 20.08 -9.19 -16.75
C SER C 98 20.19 -7.77 -17.26
N LEU C 99 21.42 -7.30 -17.45
CA LEU C 99 21.64 -5.97 -18.02
C LEU C 99 21.20 -5.95 -19.48
N ALA C 100 21.42 -7.05 -20.20
CA ALA C 100 20.91 -7.15 -21.56
C ALA C 100 19.38 -7.17 -21.57
N LEU C 101 18.78 -7.84 -20.59
CA LEU C 101 17.33 -7.77 -20.40
C LEU C 101 16.87 -6.34 -20.28
N LEU C 102 17.52 -5.56 -19.41
CA LEU C 102 17.14 -4.16 -19.27
C LEU C 102 17.38 -3.37 -20.54
N GLN C 103 18.44 -3.70 -21.29
CA GLN C 103 18.66 -3.02 -22.57
C GLN C 103 17.49 -3.26 -23.50
N ARG C 104 17.11 -4.53 -23.67
CA ARG C 104 15.99 -4.86 -24.55
C ARG C 104 14.72 -4.14 -24.10
N GLN C 105 14.47 -4.08 -22.80
CA GLN C 105 13.31 -3.33 -22.32
C GLN C 105 13.44 -1.86 -22.68
N PHE C 106 14.65 -1.32 -22.54
CA PHE C 106 14.90 0.09 -22.80
C PHE C 106 15.02 0.37 -24.28
N ASP C 107 15.47 -0.61 -25.06
CA ASP C 107 15.87 -0.41 -26.45
C ASP C 107 16.82 0.77 -26.56
N VAL C 108 17.98 0.58 -25.98
CA VAL C 108 18.92 1.68 -25.80
C VAL C 108 20.24 1.29 -26.47
N ASP C 109 20.94 2.30 -26.99
CA ASP C 109 22.22 2.02 -27.64
C ASP C 109 23.30 1.72 -26.60
N ILE C 110 23.36 2.49 -25.51
CA ILE C 110 24.25 2.20 -24.41
C ILE C 110 23.46 2.29 -23.11
N LEU C 111 23.76 1.38 -22.19
CA LEU C 111 23.09 1.32 -20.88
C LEU C 111 24.13 1.67 -19.82
N ILE C 112 23.84 2.69 -19.03
CA ILE C 112 24.73 3.14 -17.97
C ILE C 112 24.17 2.65 -16.64
N SER C 113 25.03 2.02 -15.84
CA SER C 113 24.64 1.43 -14.57
C SER C 113 25.70 1.70 -13.53
N GLY C 114 25.33 1.55 -12.27
CA GLY C 114 26.25 1.71 -11.17
C GLY C 114 26.03 0.70 -10.06
N HIS C 115 26.15 1.17 -8.81
CA HIS C 115 25.87 0.43 -7.59
C HIS C 115 26.82 -0.75 -7.38
N THR C 116 27.68 -1.03 -8.34
CA THR C 116 28.68 -2.06 -8.16
C THR C 116 29.99 -1.50 -7.66
N HIS C 117 30.22 -0.19 -7.83
CA HIS C 117 31.46 0.48 -7.48
C HIS C 117 32.64 -0.07 -8.27
N LYS C 118 32.38 -0.87 -9.29
CA LYS C 118 33.38 -1.48 -10.14
C LYS C 118 33.16 -0.97 -11.56
N PHE C 119 34.11 -0.20 -12.07
CA PHE C 119 34.01 0.31 -13.43
C PHE C 119 34.02 -0.83 -14.44
N GLU C 120 33.14 -0.74 -15.43
CA GLU C 120 33.06 -1.73 -16.49
C GLU C 120 32.53 -1.07 -17.75
N ALA C 121 33.23 -1.26 -18.87
CA ALA C 121 32.79 -0.72 -20.15
C ALA C 121 33.07 -1.78 -21.20
N PHE C 122 32.01 -2.31 -21.82
CA PHE C 122 32.22 -3.38 -22.78
C PHE C 122 31.10 -3.40 -23.81
N GLU C 123 31.28 -4.19 -24.86
CA GLU C 123 30.28 -4.26 -25.91
C GLU C 123 29.77 -5.69 -26.00
N HIS C 124 28.48 -5.84 -25.77
CA HIS C 124 27.79 -7.11 -25.91
C HIS C 124 26.61 -6.90 -26.82
N GLU C 125 26.60 -7.66 -27.91
CA GLU C 125 25.40 -7.90 -28.66
C GLU C 125 25.11 -6.73 -29.58
N ASN C 126 26.17 -6.17 -30.17
CA ASN C 126 26.12 -4.90 -30.87
C ASN C 126 25.55 -3.79 -29.99
N LYS C 127 25.77 -3.91 -28.68
CA LYS C 127 25.34 -2.90 -27.73
C LYS C 127 26.50 -2.58 -26.80
N PHE C 128 26.54 -1.38 -26.26
CA PHE C 128 27.64 -0.97 -25.40
C PHE C 128 27.10 -0.75 -23.99
N TYR C 129 27.93 -1.03 -22.98
CA TYR C 129 27.51 -0.99 -21.59
C TYR C 129 28.56 -0.25 -20.77
N ILE C 130 28.09 0.71 -19.95
CA ILE C 130 28.94 1.54 -19.11
C ILE C 130 28.56 1.34 -17.64
N ASN C 131 29.56 1.46 -16.78
CA ASN C 131 29.42 1.40 -15.35
C ASN C 131 30.61 2.17 -14.79
N PRO C 132 30.45 3.45 -14.43
CA PRO C 132 31.62 4.24 -14.03
C PRO C 132 32.16 3.91 -12.66
N GLY C 133 31.40 3.21 -11.83
CA GLY C 133 31.85 2.95 -10.48
C GLY C 133 31.64 4.17 -9.61
N SER C 134 32.29 4.16 -8.44
CA SER C 134 32.16 5.24 -7.47
C SER C 134 33.25 6.27 -7.74
N ALA C 135 32.84 7.51 -8.03
CA ALA C 135 33.79 8.58 -8.30
C ALA C 135 34.59 8.95 -7.05
N THR C 136 34.13 8.59 -5.87
CA THR C 136 34.84 8.85 -4.63
C THR C 136 35.47 7.58 -4.05
N GLY C 137 35.45 6.48 -4.80
CA GLY C 137 35.97 5.22 -4.31
C GLY C 137 35.25 4.78 -3.06
N ALA C 138 33.93 4.87 -3.08
CA ALA C 138 33.14 4.63 -1.88
C ALA C 138 33.15 3.16 -1.49
N TYR C 139 32.99 2.93 -0.18
CA TYR C 139 32.99 1.58 0.38
C TYR C 139 31.88 0.72 -0.23
N ASN C 140 32.18 -0.55 -0.45
CA ASN C 140 31.22 -1.54 -0.91
C ASN C 140 31.51 -2.84 -0.17
N ALA C 141 30.46 -3.53 0.26
CA ALA C 141 30.64 -4.71 1.09
C ALA C 141 31.22 -5.90 0.33
N LEU C 142 30.94 -6.02 -0.97
CA LEU C 142 31.40 -7.16 -1.74
C LEU C 142 32.74 -6.95 -2.43
N GLU C 143 33.31 -5.75 -2.36
CA GLU C 143 34.63 -5.51 -2.96
C GLU C 143 35.43 -4.64 -2.00
N THR C 144 36.54 -5.19 -1.51
CA THR C 144 37.38 -4.46 -0.55
C THR C 144 38.16 -3.34 -1.22
N ASN C 145 38.68 -3.57 -2.43
CA ASN C 145 39.53 -2.61 -3.11
C ASN C 145 38.68 -1.88 -4.16
N ILE C 146 38.23 -0.68 -3.81
CA ILE C 146 37.43 0.15 -4.70
C ILE C 146 38.34 1.23 -5.26
N ILE C 147 38.30 1.42 -6.57
CA ILE C 147 39.15 2.38 -7.27
C ILE C 147 38.28 3.55 -7.68
N PRO C 148 38.50 4.75 -7.13
CA PRO C 148 37.75 5.93 -7.59
C PRO C 148 37.85 6.09 -9.10
N SER C 149 36.72 6.06 -9.79
CA SER C 149 36.73 6.13 -11.24
C SER C 149 35.47 6.80 -11.74
N PHE C 150 35.65 7.65 -12.74
CA PHE C 150 34.52 8.25 -13.44
C PHE C 150 34.79 8.19 -14.94
N VAL C 151 33.73 8.32 -15.73
CA VAL C 151 33.82 8.14 -17.17
C VAL C 151 33.18 9.33 -17.86
N LEU C 152 33.87 9.89 -18.84
CA LEU C 152 33.26 10.91 -19.69
C LEU C 152 33.28 10.40 -21.13
N MET C 153 32.31 10.83 -21.93
CA MET C 153 32.25 10.40 -23.30
C MET C 153 32.14 11.58 -24.24
N ASP C 154 32.74 11.44 -25.42
CA ASP C 154 32.72 12.43 -26.48
C ASP C 154 31.95 11.79 -27.62
N ILE C 155 30.96 12.50 -28.16
CA ILE C 155 30.01 11.94 -29.10
C ILE C 155 30.31 12.44 -30.51
N GLN C 156 30.71 11.53 -31.38
CA GLN C 156 30.80 11.76 -32.82
C GLN C 156 29.47 11.34 -33.45
N ALA C 157 29.42 11.24 -34.77
CA ALA C 157 28.24 10.75 -35.47
C ALA C 157 28.27 9.22 -35.42
N SER C 158 27.36 8.63 -34.65
CA SER C 158 27.23 7.18 -34.43
C SER C 158 28.50 6.56 -33.91
N THR C 159 29.40 7.34 -33.33
CA THR C 159 30.64 6.82 -32.76
C THR C 159 30.89 7.61 -31.49
N VAL C 160 31.14 6.89 -30.39
CA VAL C 160 31.44 7.51 -29.11
C VAL C 160 32.79 6.99 -28.62
N VAL C 161 33.56 7.87 -28.02
CA VAL C 161 34.81 7.51 -27.35
C VAL C 161 34.60 7.80 -25.87
N THR C 162 34.75 6.75 -25.06
CA THR C 162 34.56 6.83 -23.62
C THR C 162 35.94 6.78 -22.97
N TYR C 163 36.29 7.86 -22.28
CA TYR C 163 37.53 7.93 -21.54
C TYR C 163 37.20 7.76 -20.06
N VAL C 164 37.85 6.77 -19.43
CA VAL C 164 37.63 6.41 -18.04
C VAL C 164 38.86 6.86 -17.24
N TYR C 165 38.61 7.69 -16.23
CA TYR C 165 39.61 8.20 -15.32
C TYR C 165 39.55 7.37 -14.05
N GLN C 166 40.71 6.90 -13.60
CA GLN C 166 40.85 6.07 -12.42
C GLN C 166 41.98 6.66 -11.57
N LEU C 167 41.79 6.62 -10.25
CA LEU C 167 42.79 7.15 -9.31
C LEU C 167 43.51 5.98 -8.66
N ILE C 168 44.72 5.69 -9.14
CA ILE C 168 45.54 4.61 -8.58
C ILE C 168 46.70 5.26 -7.83
N GLY C 169 46.82 4.93 -6.54
CA GLY C 169 47.82 5.56 -5.70
C GLY C 169 47.51 7.04 -5.62
N ASP C 170 48.38 7.85 -6.22
CA ASP C 170 48.13 9.28 -6.36
C ASP C 170 48.06 9.70 -7.81
N ASP C 171 48.39 8.82 -8.76
CA ASP C 171 48.35 9.17 -10.16
C ASP C 171 46.99 8.80 -10.77
N VAL C 172 46.56 9.63 -11.72
CA VAL C 172 45.27 9.49 -12.37
C VAL C 172 45.53 8.88 -13.74
N LYS C 173 45.21 7.59 -13.89
CA LYS C 173 45.39 6.92 -15.16
C LYS C 173 44.08 6.95 -15.95
N VAL C 174 44.20 6.86 -17.27
CA VAL C 174 43.06 7.00 -18.17
C VAL C 174 43.10 5.89 -19.20
N GLU C 175 41.96 5.25 -19.41
CA GLU C 175 41.80 4.27 -20.49
C GLU C 175 40.72 4.77 -21.44
N ARG C 176 40.83 4.41 -22.72
CA ARG C 176 39.88 4.91 -23.70
C ARG C 176 39.37 3.77 -24.59
N ILE C 177 38.07 3.82 -24.90
CA ILE C 177 37.46 2.84 -25.80
C ILE C 177 36.53 3.58 -26.76
N GLU C 178 36.29 2.99 -27.92
CA GLU C 178 35.36 3.57 -28.88
C GLU C 178 34.33 2.54 -29.32
N TYR C 179 33.11 3.02 -29.53
CA TYR C 179 31.98 2.17 -29.91
C TYR C 179 31.23 2.87 -31.04
N LYS C 180 30.84 2.10 -32.05
CA LYS C 180 30.15 2.61 -33.22
C LYS C 180 28.78 1.94 -33.36
N LYS C 181 27.75 2.75 -33.61
CA LYS C 181 26.40 2.22 -33.80
C LYS C 181 26.40 1.21 -34.95
N SER C 182 26.18 -0.05 -34.61
CA SER C 182 26.18 -1.12 -35.61
C SER C 182 24.79 -1.34 -36.19
N GLN D 8 22.39 25.26 8.95
CA GLN D 8 23.82 25.46 8.70
C GLN D 8 24.66 24.58 9.62
N SER D 9 24.09 23.45 10.05
CA SER D 9 24.80 22.47 10.87
C SER D 9 25.73 21.58 10.06
N LEU D 10 25.95 21.90 8.78
CA LEU D 10 26.85 21.11 7.96
C LEU D 10 28.26 21.09 8.55
N VAL D 11 28.68 22.21 9.12
CA VAL D 11 30.01 22.41 9.69
C VAL D 11 30.51 21.18 10.45
N GLY D 12 29.78 20.77 11.49
CA GLY D 12 30.07 19.55 12.21
C GLY D 12 30.12 18.26 11.41
N ARG D 13 29.70 18.29 10.15
CA ARG D 13 29.71 17.09 9.32
C ARG D 13 30.97 17.01 8.46
N PHE D 14 32.14 17.24 9.07
CA PHE D 14 33.42 17.09 8.39
C PHE D 14 34.18 15.85 8.83
N ILE D 15 33.60 15.03 9.70
CA ILE D 15 34.29 13.94 10.39
C ILE D 15 35.26 13.20 9.47
N HIS D 16 36.50 13.70 9.49
CA HIS D 16 37.73 13.20 8.89
C HIS D 16 38.12 11.78 9.28
N LEU D 17 37.21 10.97 9.81
CA LEU D 17 37.58 9.69 10.42
C LEU D 17 38.54 8.87 9.56
N LEU D 18 38.70 9.26 8.30
CA LEU D 18 39.71 8.69 7.41
C LEU D 18 41.13 8.94 7.94
N ARG D 19 41.31 10.02 8.71
CA ARG D 19 42.64 10.40 9.21
C ARG D 19 43.27 9.29 10.05
N SER D 20 42.47 8.58 10.86
CA SER D 20 43.05 7.76 11.91
C SER D 20 43.51 6.39 11.42
N ASP D 21 44.57 5.90 12.08
CA ASP D 21 45.10 4.56 11.85
C ASP D 21 45.34 3.88 13.20
N ASP D 22 45.20 2.54 13.21
CA ASP D 22 45.25 1.58 14.31
C ASP D 22 43.82 1.35 14.81
N PRO D 23 43.21 0.20 14.43
CA PRO D 23 41.77 -0.05 14.67
C PRO D 23 41.18 0.33 16.03
N ASP D 24 41.80 -0.16 17.10
CA ASP D 24 41.22 -0.01 18.43
C ASP D 24 40.95 1.44 18.75
N GLN D 25 41.77 2.34 18.22
CA GLN D 25 41.58 3.75 18.49
C GLN D 25 40.42 4.30 17.66
N GLN D 26 40.24 3.77 16.45
CA GLN D 26 39.13 4.15 15.59
C GLN D 26 37.80 3.78 16.21
N TYR D 27 37.74 2.62 16.89
CA TYR D 27 36.51 2.27 17.59
C TYR D 27 36.16 3.32 18.62
N LEU D 28 37.15 3.73 19.42
CA LEU D 28 36.89 4.72 20.46
C LEU D 28 36.42 6.03 19.86
N ILE D 29 36.98 6.42 18.71
CA ILE D 29 36.51 7.67 18.09
C ILE D 29 35.08 7.52 17.61
N LEU D 30 34.72 6.34 17.09
CA LEU D 30 33.34 6.09 16.68
C LEU D 30 32.38 6.18 17.86
N ASN D 31 32.74 5.53 18.97
CA ASN D 31 31.89 5.59 20.16
C ASN D 31 31.76 7.02 20.66
N THR D 32 32.83 7.81 20.60
CA THR D 32 32.76 9.18 21.07
C THR D 32 31.87 10.02 20.17
N ALA D 33 31.94 9.78 18.86
CA ALA D 33 31.06 10.48 17.94
C ALA D 33 29.61 10.12 18.21
N ARG D 34 29.34 8.83 18.43
CA ARG D 34 27.98 8.40 18.81
C ARG D 34 27.51 9.11 20.07
N LYS D 35 28.34 9.18 21.11
CA LYS D 35 27.93 9.87 22.33
C LYS D 35 27.63 11.34 22.07
N HIS D 36 28.44 12.01 21.25
CA HIS D 36 28.20 13.42 20.97
C HIS D 36 26.91 13.61 20.19
N PHE D 37 26.75 12.88 19.08
CA PHE D 37 25.58 13.07 18.22
C PHE D 37 24.29 12.57 18.88
N GLY D 38 24.37 11.56 19.76
CA GLY D 38 23.18 11.02 20.39
C GLY D 38 22.46 12.03 21.25
N ALA D 39 23.24 12.79 22.00
CA ALA D 39 22.64 13.87 22.74
C ALA D 39 22.19 14.93 21.74
N GLY D 40 22.16 14.58 20.46
CA GLY D 40 21.72 15.42 19.40
C GLY D 40 20.24 15.21 19.45
N GLY D 41 19.67 14.34 18.64
CA GLY D 41 18.23 14.12 18.68
C GLY D 41 17.45 14.34 17.40
N ASN D 42 16.50 13.44 17.18
CA ASN D 42 15.61 13.39 16.01
C ASN D 42 15.85 14.26 14.77
N GLN D 43 15.84 15.55 14.94
CA GLN D 43 15.97 16.42 13.76
C GLN D 43 17.32 16.20 13.08
N ARG D 44 18.41 16.19 13.86
CA ARG D 44 19.80 15.98 13.44
C ARG D 44 20.25 14.52 13.29
N ILE D 45 19.83 13.61 14.16
CA ILE D 45 20.35 12.24 14.10
C ILE D 45 19.99 11.52 12.79
N ARG D 46 19.08 12.08 11.99
CA ARG D 46 18.83 11.46 10.68
C ARG D 46 20.07 11.52 9.81
N PHE D 47 20.85 12.58 9.96
CA PHE D 47 22.02 12.82 9.15
C PHE D 47 23.29 12.41 9.85
N THR D 48 23.35 12.58 11.18
CA THR D 48 24.62 12.35 11.88
C THR D 48 24.99 10.86 12.00
N LEU D 49 24.00 9.98 12.18
CA LEU D 49 24.28 8.57 12.52
C LEU D 49 24.63 7.62 11.36
N PRO D 50 23.97 7.70 10.20
CA PRO D 50 24.31 6.79 9.08
C PRO D 50 25.80 6.77 8.74
N PRO D 51 26.49 7.92 8.71
CA PRO D 51 27.94 7.86 8.48
C PRO D 51 28.67 7.02 9.50
N LEU D 52 28.23 7.07 10.77
CA LEU D 52 28.88 6.27 11.80
C LEU D 52 28.61 4.78 11.60
N VAL D 53 27.41 4.43 11.12
CA VAL D 53 27.13 3.02 10.83
C VAL D 53 28.04 2.51 9.71
N PHE D 54 28.21 3.31 8.66
CA PHE D 54 29.06 2.88 7.56
C PHE D 54 30.54 2.83 7.99
N ALA D 55 30.96 3.78 8.81
CA ALA D 55 32.32 3.75 9.34
C ALA D 55 32.54 2.51 10.20
N ALA D 56 31.52 2.10 10.95
CA ALA D 56 31.64 0.88 11.74
C ALA D 56 31.86 -0.32 10.84
N TYR D 57 31.13 -0.39 9.73
CA TYR D 57 31.34 -1.53 8.82
C TYR D 57 32.75 -1.52 8.26
N GLN D 58 33.22 -0.34 7.84
CA GLN D 58 34.59 -0.21 7.33
C GLN D 58 35.61 -0.67 8.37
N LEU D 59 35.42 -0.25 9.62
CA LEU D 59 36.37 -0.60 10.67
C LEU D 59 36.34 -2.11 10.93
N ALA D 60 35.18 -2.74 10.81
CA ALA D 60 35.12 -4.19 10.96
C ALA D 60 35.95 -4.86 9.86
N PHE D 61 35.89 -4.33 8.64
CA PHE D 61 36.74 -4.89 7.59
C PHE D 61 38.22 -4.67 7.90
N ARG D 62 38.56 -3.53 8.51
CA ARG D 62 39.95 -3.31 8.91
C ARG D 62 40.38 -4.32 9.97
N TYR D 63 39.48 -4.67 10.89
CA TYR D 63 39.79 -5.71 11.86
C TYR D 63 39.99 -7.04 11.17
N LYS D 64 39.27 -7.27 10.08
CA LYS D 64 39.54 -8.47 9.30
C LYS D 64 40.94 -8.41 8.70
N GLU D 65 41.43 -7.22 8.36
CA GLU D 65 42.79 -7.10 7.85
C GLU D 65 43.84 -7.43 8.91
N ASN D 66 43.51 -7.26 10.19
CA ASN D 66 44.43 -7.59 11.28
C ASN D 66 44.09 -8.95 11.89
N SER D 67 43.71 -9.91 11.05
CA SER D 67 43.34 -11.24 11.54
C SER D 67 44.52 -11.94 12.19
N GLN D 68 45.70 -11.85 11.57
CA GLN D 68 46.88 -12.56 12.08
C GLN D 68 47.45 -11.89 13.32
N MET D 69 47.58 -10.56 13.31
CA MET D 69 48.24 -9.87 14.42
C MET D 69 47.40 -9.78 15.69
N ASP D 70 46.08 -9.88 15.57
CA ASP D 70 45.20 -9.69 16.73
C ASP D 70 44.53 -11.01 17.05
N ASP D 71 44.68 -11.46 18.30
CA ASP D 71 44.09 -12.70 18.75
C ASP D 71 42.64 -12.54 19.20
N LYS D 72 42.14 -11.31 19.29
CA LYS D 72 40.79 -11.04 19.75
C LYS D 72 39.95 -10.32 18.71
N TRP D 73 40.33 -10.40 17.43
CA TRP D 73 39.66 -9.60 16.42
C TRP D 73 38.22 -10.04 16.21
N GLU D 74 37.93 -11.34 16.42
CA GLU D 74 36.55 -11.81 16.25
C GLU D 74 35.63 -11.20 17.30
N LYS D 75 36.07 -11.15 18.56
CA LYS D 75 35.28 -10.51 19.59
C LYS D 75 35.10 -9.02 19.31
N LYS D 76 36.11 -8.39 18.70
CA LYS D 76 35.99 -6.99 18.34
C LYS D 76 34.96 -6.80 17.24
N CYS D 77 34.91 -7.73 16.29
CA CYS D 77 33.91 -7.66 15.24
C CYS D 77 32.51 -7.89 15.80
N GLN D 78 32.37 -8.82 16.73
CA GLN D 78 31.07 -9.02 17.37
C GLN D 78 30.59 -7.74 18.04
N LYS D 79 31.49 -7.09 18.80
CA LYS D 79 31.09 -5.87 19.49
C LYS D 79 30.86 -4.71 18.50
N ILE D 80 31.61 -4.65 17.40
CA ILE D 80 31.40 -3.61 16.41
C ILE D 80 30.04 -3.76 15.75
N PHE D 81 29.63 -4.99 15.44
CA PHE D 81 28.33 -5.17 14.83
C PHE D 81 27.21 -4.93 15.83
N SER D 82 27.45 -5.22 17.12
CA SER D 82 26.48 -4.82 18.13
C SER D 82 26.36 -3.30 18.19
N PHE D 83 27.48 -2.59 17.99
CA PHE D 83 27.46 -1.14 17.95
C PHE D 83 26.61 -0.65 16.78
N ALA D 84 26.83 -1.21 15.60
CA ALA D 84 26.06 -0.82 14.43
C ALA D 84 24.57 -1.06 14.65
N HIS D 85 24.22 -2.25 15.14
CA HIS D 85 22.83 -2.58 15.44
C HIS D 85 22.24 -1.58 16.43
N GLN D 86 23.01 -1.20 17.45
CA GLN D 86 22.55 -0.25 18.45
C GLN D 86 22.23 1.11 17.84
N THR D 87 23.13 1.62 17.00
CA THR D 87 22.92 2.93 16.41
C THR D 87 21.75 2.91 15.44
N ILE D 88 21.64 1.85 14.64
CA ILE D 88 20.54 1.75 13.69
C ILE D 88 19.21 1.71 14.44
N SER D 89 19.16 0.97 15.55
CA SER D 89 17.95 0.95 16.36
C SER D 89 17.65 2.32 16.95
N ALA D 90 18.70 3.09 17.28
CA ALA D 90 18.46 4.45 17.74
C ALA D 90 17.84 5.29 16.65
N LEU D 91 18.18 5.02 15.39
CA LEU D 91 17.47 5.66 14.29
C LEU D 91 16.03 5.20 14.20
N ILE D 92 15.80 3.89 14.38
CA ILE D 92 14.45 3.34 14.37
C ILE D 92 13.56 4.06 15.39
N LYS D 93 14.11 4.34 16.57
CA LYS D 93 13.35 4.98 17.64
C LYS D 93 12.95 6.42 17.32
N ALA D 94 13.42 6.99 16.21
CA ALA D 94 13.05 8.33 15.78
C ALA D 94 11.96 8.34 14.72
N GLU D 95 11.10 7.32 14.71
CA GLU D 95 10.02 7.17 13.74
C GLU D 95 10.55 7.27 12.31
N LEU D 96 11.45 6.36 11.99
CA LEU D 96 12.08 6.25 10.68
C LEU D 96 12.06 4.81 10.21
N ALA D 97 11.89 4.62 8.90
CA ALA D 97 11.75 3.27 8.37
C ALA D 97 12.69 2.99 7.20
N GLU D 98 12.72 3.88 6.21
CA GLU D 98 13.44 3.61 4.97
C GLU D 98 14.95 3.52 5.21
N LEU D 99 15.51 4.55 5.83
CA LEU D 99 16.95 4.58 6.11
C LEU D 99 17.37 3.42 7.00
N PRO D 100 16.78 3.21 8.19
CA PRO D 100 17.20 2.07 9.01
C PRO D 100 17.14 0.74 8.28
N LEU D 101 16.13 0.53 7.44
CA LEU D 101 16.02 -0.72 6.70
C LEU D 101 17.23 -0.90 5.78
N ARG D 102 17.56 0.14 5.01
CA ARG D 102 18.73 0.07 4.14
CA ARG D 102 18.72 0.05 4.13
C ARG D 102 20.00 -0.19 4.93
N LEU D 103 20.13 0.47 6.08
CA LEU D 103 21.31 0.32 6.90
C LEU D 103 21.43 -1.12 7.42
N PHE D 104 20.30 -1.73 7.81
CA PHE D 104 20.36 -3.11 8.28
C PHE D 104 20.79 -4.03 7.14
N LEU D 105 20.32 -3.74 5.92
CA LEU D 105 20.70 -4.58 4.79
C LEU D 105 22.21 -4.50 4.54
N GLN D 106 22.75 -3.28 4.62
CA GLN D 106 24.19 -3.12 4.43
C GLN D 106 24.96 -3.85 5.53
N GLY D 107 24.49 -3.77 6.77
CA GLY D 107 25.15 -4.48 7.85
C GLY D 107 25.12 -5.99 7.66
N ALA D 108 24.00 -6.50 7.15
CA ALA D 108 23.93 -7.94 6.90
C ALA D 108 24.92 -8.34 5.81
N LEU D 109 25.04 -7.50 4.77
CA LEU D 109 26.03 -7.75 3.74
C LEU D 109 27.43 -7.85 4.32
N ALA D 110 27.82 -6.83 5.08
CA ALA D 110 29.15 -6.80 5.70
C ALA D 110 29.39 -8.02 6.59
N ALA D 111 28.47 -8.28 7.53
CA ALA D 111 28.61 -9.41 8.43
C ALA D 111 28.72 -10.72 7.67
N GLY D 112 28.04 -10.84 6.54
CA GLY D 112 28.17 -12.04 5.73
C GLY D 112 29.53 -12.14 5.07
N GLU D 113 30.08 -11.00 4.66
CA GLU D 113 31.36 -11.00 3.94
C GLU D 113 32.54 -11.28 4.86
N ILE D 114 32.54 -10.72 6.07
CA ILE D 114 33.74 -10.75 6.92
C ILE D 114 34.14 -12.18 7.27
N GLY D 115 33.29 -12.88 8.02
CA GLY D 115 33.57 -14.27 8.37
C GLY D 115 34.04 -14.56 9.78
N PHE D 116 33.86 -13.63 10.72
CA PHE D 116 34.26 -13.91 12.09
C PHE D 116 33.32 -14.94 12.72
N GLU D 117 33.78 -15.58 13.78
CA GLU D 117 32.95 -16.57 14.45
C GLU D 117 31.61 -15.96 14.86
N ASN D 118 30.53 -16.70 14.58
CA ASN D 118 29.15 -16.29 14.81
C ASN D 118 28.71 -15.16 13.88
N HIS D 119 29.36 -15.01 12.72
CA HIS D 119 28.94 -13.98 11.78
C HIS D 119 27.67 -14.38 11.04
N GLU D 120 27.44 -15.68 10.87
CA GLU D 120 26.22 -16.12 10.21
C GLU D 120 24.99 -15.73 11.03
N THR D 121 25.07 -15.91 12.35
CA THR D 121 23.96 -15.51 13.20
C THR D 121 23.74 -14.00 13.14
N VAL D 122 24.82 -13.22 13.01
CA VAL D 122 24.67 -11.77 12.95
C VAL D 122 24.03 -11.35 11.64
N ALA D 123 24.45 -11.99 10.53
CA ALA D 123 23.81 -11.70 9.25
C ALA D 123 22.34 -12.07 9.27
N TYR D 124 22.02 -13.24 9.83
CA TYR D 124 20.61 -13.63 9.98
C TYR D 124 19.84 -12.60 10.78
N GLU D 125 20.37 -12.19 11.93
CA GLU D 125 19.63 -11.25 12.77
C GLU D 125 19.44 -9.91 12.07
N PHE D 126 20.44 -9.49 11.29
CA PHE D 126 20.33 -8.21 10.60
C PHE D 126 19.26 -8.30 9.51
N MET D 127 19.22 -9.43 8.82
CA MET D 127 18.17 -9.67 7.83
C MET D 127 16.80 -9.71 8.48
N SER D 128 16.69 -10.41 9.62
CA SER D 128 15.42 -10.47 10.34
C SER D 128 14.94 -9.07 10.71
N GLN D 129 15.86 -8.21 11.12
CA GLN D 129 15.45 -6.85 11.44
C GLN D 129 14.90 -6.24 10.17
N ALA D 130 15.72 -6.20 9.11
CA ALA D 130 15.25 -5.62 7.86
C ALA D 130 13.83 -6.06 7.46
N PHE D 131 13.57 -7.36 7.51
CA PHE D 131 12.23 -7.84 7.20
C PHE D 131 11.18 -7.31 8.17
N SER D 132 11.49 -7.26 9.46
CA SER D 132 10.49 -6.74 10.41
C SER D 132 10.15 -5.29 10.12
N LEU D 133 11.11 -4.49 9.76
CA LEU D 133 10.78 -3.13 9.44
C LEU D 133 9.98 -3.08 8.17
N TYR D 134 10.33 -3.90 7.19
CA TYR D 134 9.58 -3.90 5.95
C TYR D 134 8.12 -4.21 6.21
N GLU D 135 7.86 -5.30 6.94
CA GLU D 135 6.48 -5.69 7.22
C GLU D 135 5.75 -4.67 8.09
N ASP D 136 6.47 -3.82 8.84
CA ASP D 136 5.75 -2.98 9.78
C ASP D 136 5.60 -1.52 9.37
N GLU D 137 6.59 -0.89 8.72
CA GLU D 137 6.48 0.55 8.46
C GLU D 137 6.50 0.97 6.98
N ILE D 138 6.27 0.06 6.04
CA ILE D 138 6.30 0.42 4.62
C ILE D 138 4.87 0.32 4.09
N SER D 139 4.18 1.46 4.03
CA SER D 139 2.77 1.47 3.64
C SER D 139 2.57 1.66 2.14
N ASP D 140 3.23 2.66 1.55
CA ASP D 140 3.01 2.97 0.15
C ASP D 140 3.38 1.79 -0.73
N SER D 141 2.59 1.57 -1.78
CA SER D 141 2.79 0.39 -2.63
C SER D 141 4.09 0.48 -3.42
N LYS D 142 4.38 1.65 -3.98
CA LYS D 142 5.59 1.82 -4.78
C LYS D 142 6.84 1.61 -3.92
N ALA D 143 6.85 2.23 -2.73
CA ALA D 143 7.95 2.02 -1.79
C ALA D 143 8.04 0.57 -1.35
N GLN D 144 6.89 -0.12 -1.21
CA GLN D 144 6.90 -1.54 -0.90
C GLN D 144 7.62 -2.33 -1.99
N LEU D 145 7.37 -1.97 -3.24
CA LEU D 145 8.03 -2.66 -4.36
C LEU D 145 9.53 -2.42 -4.31
N ALA D 146 9.93 -1.17 -4.11
CA ALA D 146 11.36 -0.87 -4.11
C ALA D 146 12.05 -1.56 -2.94
N ALA D 147 11.41 -1.56 -1.76
CA ALA D 147 11.99 -2.18 -0.59
C ALA D 147 12.18 -3.67 -0.81
N ILE D 148 11.14 -4.36 -1.31
CA ILE D 148 11.32 -5.81 -1.46
C ILE D 148 12.30 -6.14 -2.55
N THR D 149 12.35 -5.37 -3.65
CA THR D 149 13.35 -5.68 -4.67
C THR D 149 14.75 -5.49 -4.11
N LEU D 150 14.96 -4.45 -3.30
CA LEU D 150 16.23 -4.28 -2.62
C LEU D 150 16.56 -5.48 -1.74
N ILE D 151 15.57 -5.95 -0.97
CA ILE D 151 15.81 -7.09 -0.07
C ILE D 151 16.21 -8.32 -0.86
N ILE D 152 15.48 -8.64 -1.92
CA ILE D 152 15.81 -9.83 -2.71
C ILE D 152 17.19 -9.71 -3.32
N GLY D 153 17.52 -8.54 -3.88
CA GLY D 153 18.83 -8.35 -4.47
C GLY D 153 19.94 -8.51 -3.47
N THR D 154 19.84 -7.80 -2.34
CA THR D 154 20.84 -7.88 -1.29
C THR D 154 21.01 -9.32 -0.80
N PHE D 155 19.91 -10.00 -0.50
CA PHE D 155 19.99 -11.36 0.01
C PHE D 155 20.53 -12.34 -1.03
N GLU D 156 20.46 -11.98 -2.32
CA GLU D 156 20.95 -12.90 -3.35
C GLU D 156 22.47 -12.98 -3.35
N ARG D 157 23.16 -11.92 -2.89
CA ARG D 157 24.62 -11.90 -2.95
C ARG D 157 25.27 -12.62 -1.77
N MET D 158 24.51 -12.93 -0.72
CA MET D 158 25.05 -13.57 0.46
C MET D 158 25.28 -15.06 0.23
N LYS D 159 26.46 -15.54 0.63
CA LYS D 159 26.81 -16.96 0.55
C LYS D 159 27.19 -17.52 1.91
N CYS D 160 26.91 -16.79 2.99
CA CYS D 160 27.33 -17.14 4.33
C CYS D 160 26.27 -17.92 5.11
N PHE D 161 25.32 -18.54 4.43
CA PHE D 161 24.17 -19.14 5.08
C PHE D 161 24.13 -20.65 4.88
N SER D 162 23.82 -21.37 5.94
CA SER D 162 23.59 -22.80 5.82
C SER D 162 22.17 -23.04 5.33
N GLU D 163 21.90 -24.26 4.88
CA GLU D 163 20.57 -24.56 4.36
C GLU D 163 19.50 -24.32 5.42
N GLU D 164 19.80 -24.69 6.68
CA GLU D 164 18.86 -24.43 7.78
C GLU D 164 18.50 -22.96 7.84
N ASN D 165 19.51 -22.09 7.79
CA ASN D 165 19.21 -20.67 7.84
C ASN D 165 18.78 -20.11 6.48
N HIS D 166 19.30 -20.66 5.37
CA HIS D 166 19.01 -20.07 4.06
C HIS D 166 17.56 -20.27 3.65
N GLU D 167 17.02 -21.47 3.84
CA GLU D 167 15.64 -21.74 3.41
C GLU D 167 14.61 -20.78 4.01
N PRO D 168 14.63 -20.48 5.32
CA PRO D 168 13.60 -19.58 5.86
C PRO D 168 13.57 -18.21 5.23
N LEU D 169 14.72 -17.58 4.96
CA LEU D 169 14.66 -16.27 4.31
C LEU D 169 14.21 -16.40 2.87
N ARG D 170 14.50 -17.54 2.22
CA ARG D 170 14.00 -17.77 0.87
C ARG D 170 12.46 -17.75 0.85
N THR D 171 11.85 -18.65 1.62
CA THR D 171 10.39 -18.68 1.68
C THR D 171 9.83 -17.38 2.24
N GLN D 172 10.56 -16.71 3.13
CA GLN D 172 10.10 -15.43 3.66
C GLN D 172 10.05 -14.38 2.55
N CYS D 173 11.01 -14.44 1.63
CA CYS D 173 11.03 -13.54 0.49
C CYS D 173 9.86 -13.83 -0.44
N ALA D 174 9.60 -15.12 -0.68
CA ALA D 174 8.44 -15.49 -1.49
C ALA D 174 7.14 -15.00 -0.86
N LEU D 175 6.97 -15.25 0.45
CA LEU D 175 5.80 -14.79 1.18
C LEU D 175 5.60 -13.28 1.03
N ALA D 176 6.67 -12.51 1.28
CA ALA D 176 6.56 -11.07 1.17
C ALA D 176 6.24 -10.65 -0.26
N ALA D 177 6.72 -11.40 -1.25
CA ALA D 177 6.44 -11.12 -2.65
C ALA D 177 5.02 -11.51 -3.03
N SER D 178 4.38 -12.39 -2.28
CA SER D 178 3.01 -12.80 -2.57
C SER D 178 1.97 -11.88 -1.96
N LYS D 179 2.36 -10.92 -1.11
CA LYS D 179 1.37 -10.10 -0.42
C LYS D 179 1.41 -8.63 -0.81
N LEU D 180 1.97 -8.27 -1.96
CA LEU D 180 1.84 -6.88 -2.38
C LEU D 180 0.42 -6.65 -2.88
N LEU D 181 -0.05 -5.42 -2.74
CA LEU D 181 -1.42 -5.10 -3.11
C LEU D 181 -1.66 -5.26 -4.60
N LYS D 182 -1.01 -4.43 -5.41
CA LYS D 182 -1.26 -4.45 -6.85
C LYS D 182 -0.74 -5.74 -7.44
N LYS D 183 -1.45 -6.23 -8.46
CA LYS D 183 -1.14 -7.49 -9.10
C LYS D 183 0.07 -7.38 -10.05
N PRO D 184 0.23 -6.29 -10.81
CA PRO D 184 1.47 -6.17 -11.62
C PRO D 184 2.73 -6.21 -10.78
N ASP D 185 2.80 -5.36 -9.75
CA ASP D 185 3.93 -5.35 -8.84
C ASP D 185 4.15 -6.73 -8.22
N GLN D 186 3.06 -7.37 -7.80
CA GLN D 186 3.16 -8.69 -7.19
C GLN D 186 3.81 -9.68 -8.14
N GLY D 187 3.40 -9.64 -9.42
CA GLY D 187 3.94 -10.57 -10.38
C GLY D 187 5.41 -10.31 -10.67
N ARG D 188 5.78 -9.04 -10.82
CA ARG D 188 7.17 -8.70 -11.06
C ARG D 188 8.06 -9.16 -9.90
N ALA D 189 7.64 -8.89 -8.66
CA ALA D 189 8.42 -9.31 -7.50
C ALA D 189 8.57 -10.84 -7.47
N VAL D 190 7.48 -11.58 -7.73
CA VAL D 190 7.61 -13.03 -7.74
C VAL D 190 8.54 -13.48 -8.85
N SER D 191 8.57 -12.77 -9.97
CA SER D 191 9.50 -13.12 -11.04
C SER D 191 10.94 -12.91 -10.59
N THR D 192 11.20 -11.82 -9.87
CA THR D 192 12.54 -11.57 -9.35
C THR D 192 12.97 -12.65 -8.36
N CYS D 193 12.01 -13.24 -7.63
CA CYS D 193 12.36 -14.23 -6.62
C CYS D 193 12.96 -15.53 -7.18
N ALA D 194 12.83 -15.80 -8.49
CA ALA D 194 13.42 -17.02 -9.04
C ALA D 194 14.95 -17.01 -8.95
N HIS D 195 15.55 -15.82 -8.99
CA HIS D 195 17.00 -15.72 -8.92
C HIS D 195 17.51 -16.31 -7.61
N LEU D 196 16.74 -16.16 -6.53
CA LEU D 196 17.13 -16.75 -5.25
C LEU D 196 17.22 -18.26 -5.35
N PHE D 197 16.31 -18.88 -6.11
CA PHE D 197 16.31 -20.33 -6.24
C PHE D 197 17.26 -20.80 -7.32
N TRP D 198 17.92 -19.90 -8.05
CA TRP D 198 18.88 -20.30 -9.06
C TRP D 198 20.30 -19.87 -8.70
N SER D 199 20.59 -18.57 -8.72
CA SER D 199 21.94 -18.09 -8.43
C SER D 199 22.21 -17.94 -6.93
N GLY D 200 21.29 -18.38 -6.08
CA GLY D 200 21.54 -18.30 -4.65
C GLY D 200 22.51 -19.38 -4.20
N ARG D 201 23.32 -19.04 -3.20
CA ARG D 201 24.34 -19.95 -2.73
C ARG D 201 24.23 -20.13 -1.22
N ASN D 202 24.54 -21.35 -0.77
CA ASN D 202 24.52 -21.69 0.64
C ASN D 202 25.79 -22.45 0.99
N THR D 203 26.11 -22.45 2.28
CA THR D 203 27.32 -23.12 2.76
C THR D 203 27.26 -24.64 2.61
N ASP D 204 26.06 -25.22 2.62
CA ASP D 204 25.93 -26.67 2.66
C ASP D 204 26.22 -27.36 1.33
N LYS D 205 26.28 -26.60 0.23
CA LYS D 205 26.60 -27.16 -1.08
C LYS D 205 28.08 -27.06 -1.41
N ASN D 206 28.93 -26.78 -0.42
CA ASN D 206 30.35 -26.58 -0.61
C ASN D 206 30.61 -25.55 -1.72
N GLY D 207 29.92 -24.42 -1.63
CA GLY D 207 30.14 -23.30 -2.52
C GLY D 207 29.41 -23.29 -3.84
N GLU D 208 28.47 -24.21 -4.08
CA GLU D 208 27.83 -24.29 -5.39
C GLU D 208 26.56 -23.41 -5.35
N GLU D 209 26.13 -23.03 -6.55
CA GLU D 209 24.86 -22.35 -6.75
C GLU D 209 23.71 -23.32 -6.52
N LEU D 210 22.59 -22.77 -6.05
CA LEU D 210 21.46 -23.62 -5.66
C LEU D 210 20.92 -24.43 -6.84
N HIS D 211 20.80 -23.79 -8.00
CA HIS D 211 20.28 -24.45 -9.21
C HIS D 211 18.99 -25.21 -8.93
N GLY D 212 18.01 -24.52 -8.37
CA GLY D 212 16.73 -25.15 -8.10
C GLY D 212 15.76 -24.99 -9.25
N GLY D 213 15.98 -25.74 -10.33
CA GLY D 213 15.23 -25.54 -11.56
C GLY D 213 13.73 -25.58 -11.38
N LYS D 214 13.23 -26.62 -10.72
CA LYS D 214 11.78 -26.79 -10.56
C LYS D 214 11.17 -25.61 -9.82
N ARG D 215 11.80 -25.19 -8.72
CA ARG D 215 11.28 -24.04 -7.98
C ARG D 215 11.42 -22.74 -8.77
N VAL D 216 12.40 -22.64 -9.66
CA VAL D 216 12.44 -21.50 -10.58
C VAL D 216 11.23 -21.54 -11.50
N MET D 217 10.94 -22.71 -12.06
CA MET D 217 9.79 -22.86 -12.95
C MET D 217 8.50 -22.44 -12.25
N GLU D 218 8.28 -22.96 -11.03
CA GLU D 218 7.11 -22.61 -10.25
C GLU D 218 6.95 -21.11 -10.09
N CYS D 219 8.06 -20.39 -9.89
CA CYS D 219 7.99 -18.95 -9.71
C CYS D 219 7.44 -18.28 -10.97
N LEU D 220 7.93 -18.69 -12.14
CA LEU D 220 7.45 -18.11 -13.39
C LEU D 220 6.04 -18.60 -13.70
N LYS D 221 5.76 -19.87 -13.38
CA LYS D 221 4.40 -20.40 -13.55
C LYS D 221 3.39 -19.53 -12.82
N LYS D 222 3.65 -19.22 -11.55
CA LYS D 222 2.77 -18.35 -10.79
C LYS D 222 2.79 -16.93 -11.35
N ALA D 223 3.92 -16.50 -11.89
CA ALA D 223 4.01 -15.15 -12.46
C ALA D 223 3.14 -15.04 -13.70
N LEU D 224 3.12 -16.07 -14.55
CA LEU D 224 2.31 -16.05 -15.76
C LEU D 224 0.82 -15.92 -15.44
N LYS D 225 0.34 -16.74 -14.50
CA LYS D 225 -1.09 -16.74 -14.14
C LYS D 225 -1.57 -15.35 -13.78
N ILE D 226 -0.74 -14.55 -13.09
CA ILE D 226 -1.15 -13.21 -12.72
C ILE D 226 -1.31 -12.34 -13.95
N ALA D 227 -0.45 -12.55 -14.96
CA ALA D 227 -0.53 -11.74 -16.17
C ALA D 227 -1.80 -12.04 -16.97
N ASN D 228 -2.33 -13.25 -16.84
CA ASN D 228 -3.54 -13.62 -17.57
C ASN D 228 -4.72 -12.74 -17.17
N GLN D 229 -4.93 -12.59 -15.86
CA GLN D 229 -6.00 -11.77 -15.28
C GLN D 229 -5.65 -10.27 -15.19
N CYS D 230 -4.67 -9.80 -15.97
CA CYS D 230 -4.19 -8.43 -15.79
C CYS D 230 -5.26 -7.37 -16.07
N MET D 231 -6.31 -7.72 -16.80
CA MET D 231 -7.44 -6.84 -17.11
C MET D 231 -7.05 -5.56 -17.83
N ASP D 232 -5.85 -5.46 -18.37
CA ASP D 232 -5.51 -4.27 -19.15
C ASP D 232 -4.67 -4.72 -20.34
N PRO D 233 -5.23 -4.75 -21.55
CA PRO D 233 -4.52 -5.25 -22.74
C PRO D 233 -3.04 -4.86 -22.80
N SER D 234 -2.77 -3.55 -22.73
CA SER D 234 -1.40 -3.06 -22.83
C SER D 234 -0.52 -3.67 -21.74
N LEU D 235 -0.86 -3.43 -20.47
CA LEU D 235 -0.08 -3.98 -19.37
C LEU D 235 -0.03 -5.50 -19.41
N GLN D 236 -1.11 -6.14 -19.82
CA GLN D 236 -1.12 -7.60 -19.90
C GLN D 236 -0.04 -8.09 -20.85
N VAL D 237 0.03 -7.50 -22.05
CA VAL D 237 0.97 -8.01 -23.02
C VAL D 237 2.39 -7.58 -22.66
N GLN D 238 2.54 -6.42 -22.02
CA GLN D 238 3.85 -5.98 -21.53
C GLN D 238 4.41 -7.00 -20.54
N LEU D 239 3.63 -7.32 -19.52
CA LEU D 239 4.01 -8.32 -18.53
C LEU D 239 4.34 -9.65 -19.20
N PHE D 240 3.56 -10.02 -20.21
CA PHE D 240 3.87 -11.23 -20.97
C PHE D 240 5.30 -11.19 -21.52
N ILE D 241 5.67 -10.13 -22.24
CA ILE D 241 7.04 -10.08 -22.75
C ILE D 241 8.06 -10.15 -21.61
N GLU D 242 7.81 -9.43 -20.52
CA GLU D 242 8.79 -9.45 -19.42
C GLU D 242 9.01 -10.89 -18.91
N ILE D 243 7.92 -11.64 -18.72
CA ILE D 243 8.04 -13.02 -18.29
C ILE D 243 8.77 -13.84 -19.34
N LEU D 244 8.55 -13.51 -20.62
CA LEU D 244 9.25 -14.18 -21.71
C LEU D 244 10.77 -14.02 -21.56
N ASN D 245 11.21 -12.78 -21.36
CA ASN D 245 12.63 -12.52 -21.17
C ASN D 245 13.19 -13.24 -19.94
N ARG D 246 12.43 -13.35 -18.88
CA ARG D 246 12.96 -14.04 -17.72
C ARG D 246 13.15 -15.47 -18.08
N TYR D 247 12.16 -16.03 -18.74
CA TYR D 247 12.26 -17.42 -19.16
C TYR D 247 13.50 -17.62 -20.03
N ILE D 248 13.78 -16.64 -20.89
CA ILE D 248 14.94 -16.70 -21.77
C ILE D 248 16.23 -16.69 -20.97
N TYR D 249 16.32 -15.81 -19.98
CA TYR D 249 17.51 -15.75 -19.14
C TYR D 249 17.77 -17.08 -18.48
N PHE D 250 16.75 -17.65 -17.83
CA PHE D 250 16.99 -18.91 -17.14
C PHE D 250 17.28 -20.04 -18.12
N TYR D 251 16.67 -20.02 -19.31
CA TYR D 251 16.98 -21.02 -20.32
C TYR D 251 18.44 -20.91 -20.76
N GLU D 252 18.88 -19.69 -21.03
CA GLU D 252 20.25 -19.38 -21.46
C GLU D 252 21.25 -19.60 -20.37
N LYS D 253 20.80 -19.96 -19.17
CA LYS D 253 21.73 -20.38 -18.12
C LYS D 253 21.76 -21.89 -17.95
N GLU D 254 21.51 -22.63 -19.04
CA GLU D 254 21.49 -24.10 -19.04
C GLU D 254 20.62 -24.63 -17.92
N ASN D 255 19.41 -24.10 -17.82
CA ASN D 255 18.44 -24.56 -16.84
C ASN D 255 17.58 -25.62 -17.54
N ASP D 256 17.76 -26.88 -17.14
CA ASP D 256 17.03 -27.96 -17.78
C ASP D 256 15.53 -27.82 -17.55
N ALA D 257 15.12 -27.13 -16.48
CA ALA D 257 13.70 -27.02 -16.16
C ALA D 257 12.94 -26.19 -17.20
N VAL D 258 13.62 -25.25 -17.85
CA VAL D 258 12.98 -24.48 -18.91
C VAL D 258 13.01 -25.30 -20.18
N THR D 259 11.86 -25.44 -20.83
CA THR D 259 11.72 -26.23 -22.03
C THR D 259 11.44 -25.31 -23.20
N ILE D 260 11.60 -25.84 -24.41
CA ILE D 260 11.33 -24.99 -25.54
C ILE D 260 9.82 -24.87 -25.77
N GLN D 261 9.05 -25.88 -25.34
CA GLN D 261 7.60 -25.82 -25.50
C GLN D 261 7.00 -24.63 -24.76
N VAL D 262 7.42 -24.39 -23.52
CA VAL D 262 6.87 -23.26 -22.77
C VAL D 262 7.23 -21.94 -23.44
N LEU D 263 8.46 -21.84 -23.96
CA LEU D 263 8.88 -20.61 -24.62
C LEU D 263 8.00 -20.35 -25.85
N ASN D 264 7.83 -21.39 -26.69
CA ASN D 264 7.01 -21.27 -27.89
C ASN D 264 5.55 -20.98 -27.53
N GLN D 265 5.06 -21.61 -26.47
CA GLN D 265 3.69 -21.40 -26.01
C GLN D 265 3.45 -19.94 -25.64
N LEU D 266 4.37 -19.36 -24.87
CA LEU D 266 4.19 -17.98 -24.47
C LEU D 266 4.29 -17.04 -25.68
N ILE D 267 5.22 -17.31 -26.60
CA ILE D 267 5.31 -16.48 -27.79
C ILE D 267 4.03 -16.60 -28.62
N GLN D 268 3.32 -17.71 -28.51
CA GLN D 268 2.02 -17.83 -29.17
C GLN D 268 1.04 -16.79 -28.66
N LYS D 269 0.83 -16.75 -27.34
CA LYS D 269 -0.12 -15.81 -26.76
C LYS D 269 0.32 -14.36 -26.97
N ILE D 270 1.63 -14.10 -27.04
CA ILE D 270 2.07 -12.73 -27.28
C ILE D 270 1.62 -12.26 -28.64
N ARG D 271 1.82 -13.08 -29.68
CA ARG D 271 1.40 -12.68 -31.01
C ARG D 271 -0.13 -12.64 -31.12
N GLU D 272 -0.83 -13.49 -30.38
CA GLU D 272 -2.29 -13.45 -30.45
C GLU D 272 -2.84 -12.16 -29.88
N ASP D 273 -2.42 -11.79 -28.67
CA ASP D 273 -3.06 -10.67 -27.99
C ASP D 273 -2.37 -9.32 -28.24
N LEU D 274 -1.19 -9.30 -28.87
CA LEU D 274 -0.52 -8.03 -29.13
C LEU D 274 -1.29 -7.12 -30.09
N PRO D 275 -1.72 -7.55 -31.29
CA PRO D 275 -2.29 -6.59 -32.24
C PRO D 275 -3.52 -5.87 -31.72
N ASN D 276 -4.23 -6.44 -30.73
CA ASN D 276 -5.48 -5.89 -30.25
C ASN D 276 -5.30 -4.65 -29.38
N LEU D 277 -4.19 -3.92 -29.49
CA LEU D 277 -4.00 -2.69 -28.74
C LEU D 277 -4.07 -1.49 -29.68
N GLU D 278 -4.58 -0.39 -29.15
CA GLU D 278 -4.77 0.81 -29.96
C GLU D 278 -3.45 1.53 -30.13
N SER D 279 -3.19 2.01 -31.36
CA SER D 279 -1.91 2.62 -31.69
C SER D 279 -1.63 3.85 -30.84
N SER D 280 -0.46 3.86 -30.19
CA SER D 280 -0.01 4.95 -29.34
C SER D 280 1.49 4.79 -29.14
N GLU D 281 2.10 5.79 -28.47
CA GLU D 281 3.52 5.69 -28.18
C GLU D 281 3.80 4.51 -27.25
N GLU D 282 2.89 4.24 -26.32
CA GLU D 282 3.06 3.09 -25.43
C GLU D 282 3.09 1.80 -26.22
N THR D 283 2.11 1.58 -27.09
CA THR D 283 2.10 0.38 -27.92
C THR D 283 3.30 0.35 -28.85
N GLU D 284 3.80 1.52 -29.23
CA GLU D 284 5.05 1.60 -29.97
C GLU D 284 6.17 0.94 -29.19
N GLN D 285 6.36 1.38 -27.94
CA GLN D 285 7.40 0.81 -27.09
C GLN D 285 7.18 -0.67 -26.83
N ILE D 286 5.93 -1.11 -26.69
CA ILE D 286 5.67 -2.53 -26.42
C ILE D 286 6.13 -3.36 -27.61
N ASN D 287 5.82 -2.87 -28.82
CA ASN D 287 6.22 -3.57 -30.03
C ASN D 287 7.72 -3.60 -30.19
N LYS D 288 8.38 -2.46 -29.96
CA LYS D 288 9.84 -2.40 -30.13
C LYS D 288 10.55 -3.32 -29.13
N HIS D 289 10.08 -3.36 -27.89
CA HIS D 289 10.65 -4.28 -26.91
C HIS D 289 10.46 -5.74 -27.32
N PHE D 290 9.27 -6.12 -27.78
CA PHE D 290 9.08 -7.49 -28.23
C PHE D 290 9.97 -7.79 -29.43
N HIS D 291 10.16 -6.78 -30.30
CA HIS D 291 11.04 -6.93 -31.44
C HIS D 291 12.46 -7.23 -31.02
N ASN D 292 12.96 -6.52 -30.02
CA ASN D 292 14.28 -6.85 -29.48
C ASN D 292 14.33 -8.23 -28.86
N THR D 293 13.25 -8.66 -28.20
CA THR D 293 13.28 -10.03 -27.68
C THR D 293 13.53 -11.01 -28.82
N LEU D 294 12.68 -10.96 -29.86
CA LEU D 294 12.83 -11.89 -30.98
C LEU D 294 14.18 -11.70 -31.68
N GLU D 295 14.58 -10.45 -31.90
CA GLU D 295 15.85 -10.14 -32.55
C GLU D 295 17.02 -10.78 -31.80
N HIS D 296 17.03 -10.63 -30.47
CA HIS D 296 18.06 -11.28 -29.67
C HIS D 296 18.05 -12.77 -29.91
N LEU D 297 16.85 -13.37 -29.97
CA LEU D 297 16.79 -14.82 -30.18
C LEU D 297 17.33 -15.21 -31.56
N ARG D 298 17.30 -14.30 -32.53
CA ARG D 298 17.84 -14.64 -33.84
C ARG D 298 19.32 -15.00 -33.75
N SER D 299 20.07 -14.32 -32.88
CA SER D 299 21.46 -14.68 -32.63
C SER D 299 21.53 -16.08 -32.02
N ARG D 300 22.22 -17.00 -32.70
CA ARG D 300 22.34 -18.38 -32.23
C ARG D 300 20.97 -18.99 -31.96
N ARG D 301 20.29 -19.42 -33.03
CA ARG D 301 18.92 -19.93 -33.01
C ARG D 301 18.66 -21.02 -31.98
N GLU D 302 19.66 -21.87 -31.72
CA GLU D 302 19.64 -22.87 -30.67
C GLU D 302 18.73 -24.07 -30.95
N SER D 303 17.41 -23.85 -31.15
CA SER D 303 16.55 -25.03 -31.09
C SER D 303 15.18 -24.61 -31.68
N PRO D 304 14.14 -25.45 -31.81
CA PRO D 304 12.96 -25.01 -32.59
C PRO D 304 12.29 -23.78 -32.01
N GLU D 305 11.68 -22.98 -32.87
CA GLU D 305 11.00 -21.75 -32.43
C GLU D 305 9.92 -21.34 -33.42
N SER D 306 9.94 -20.07 -33.82
CA SER D 306 9.00 -19.56 -34.79
C SER D 306 9.62 -18.41 -35.56
N ASP E 8 33.78 1.19 31.02
CA ASP E 8 34.64 1.25 29.84
C ASP E 8 34.64 -0.08 29.09
N ASP E 9 35.82 -0.64 28.88
CA ASP E 9 35.95 -1.88 28.12
C ASP E 9 37.30 -2.52 28.39
N ILE E 10 37.33 -3.85 28.45
CA ILE E 10 38.59 -4.58 28.43
C ILE E 10 39.28 -4.38 27.08
N PHE E 11 38.61 -4.80 26.00
CA PHE E 11 39.05 -4.59 24.63
C PHE E 11 40.49 -5.06 24.42
C1 CIT F . -37.96 -7.00 13.57
O1 CIT F . -36.77 -7.28 13.84
O2 CIT F . -38.83 -6.83 14.44
C2 CIT F . -38.39 -6.90 12.13
C3 CIT F . -39.02 -8.20 11.64
O7 CIT F . -39.37 -9.05 12.75
C4 CIT F . -40.29 -7.93 10.84
C5 CIT F . -41.21 -9.13 10.86
O3 CIT F . -41.43 -9.67 11.96
O4 CIT F . -41.70 -9.54 9.80
C6 CIT F . -38.05 -8.91 10.75
O5 CIT F . -37.09 -8.27 10.28
O6 CIT F . -38.23 -10.12 10.51
C1 PEG G . -23.28 -20.13 27.49
O1 PEG G . -23.23 -19.06 28.39
C2 PEG G . -22.21 -21.16 27.85
O2 PEG G . -21.72 -21.76 26.68
C3 PEG G . -21.10 -23.00 26.89
C4 PEG G . -20.20 -23.33 25.70
O4 PEG G . -19.51 -24.52 25.95
C1 GOL H . 0.77 6.14 31.83
O1 GOL H . 1.36 5.70 33.01
C2 GOL H . 1.88 6.82 31.01
O2 GOL H . 2.91 5.95 30.67
C3 GOL H . 1.15 7.39 29.77
O3 GOL H . 2.13 7.99 28.97
C1 CIT I . -31.68 -10.24 -27.85
O1 CIT I . -31.24 -9.38 -28.65
O2 CIT I . -32.90 -10.44 -27.66
C2 CIT I . -30.72 -11.10 -27.06
C3 CIT I . -31.47 -12.23 -26.37
O7 CIT I . -32.71 -12.51 -27.02
C4 CIT I . -30.65 -13.51 -26.37
C5 CIT I . -29.70 -13.47 -27.55
O3 CIT I . -28.66 -12.80 -27.44
O4 CIT I . -30.00 -14.10 -28.58
C6 CIT I . -31.79 -11.83 -24.97
O5 CIT I . -31.82 -10.62 -24.70
O6 CIT I . -32.01 -12.71 -24.11
C ACT J . 4.72 5.44 13.81
O ACT J . 5.53 5.37 12.84
OXT ACT J . 4.06 6.43 14.21
CH3 ACT J . 4.52 4.10 14.60
#